data_3L0D
#
_entry.id   3L0D
#
_cell.length_a   91.776
_cell.length_b   91.776
_cell.length_c   161.402
_cell.angle_alpha   90.000
_cell.angle_beta   90.000
_cell.angle_gamma   120.000
#
_symmetry.space_group_name_H-M   'P 31 2 1'
#
loop_
_entity.id
_entity.type
_entity.pdbx_description
1 polymer 'Glyceraldehyde 3-phosphate dehydrogenase'
2 non-polymer NICOTINAMIDE-ADENINE-DINUCLEOTIDE
3 water water
#
_entity_poly.entity_id   1
_entity_poly.type   'polypeptide(L)'
_entity_poly.pdbx_seq_one_letter_code
;MAHHHHHHMGTLEAQTQGPGSMSVRVAINGFGRIGRNILRAIIESGRQDIEVVALNDLGSVETNAHLLRYDSVHGCFPGT
VQVVGDAIDIGSSLIKVFAERDPAQLPWKALDIDIALECTGIFTARDKASAHLDAGAKRVLVSAPSEGADLTVVYGVNHQ
FLSKEHHVISNASCTTNCLAPVAQVLHNTVGIEKGFMTTIHSYTGDQPVLDTMHRDLYRARAAALSMIPTSTGAAKAVGL
VLPELKGLLDGVSIRVPTPNVSVVDLTFTAKRSTTIEEINTAIRTAAQGSLKGILDYTDEKLVSCDFNHNPHSAIFHNDQ
TKVIDGQLCRVLVWYDNEWGFSNRMCDTAVAFAKTI
;
_entity_poly.pdbx_strand_id   A,B
#
loop_
_chem_comp.id
_chem_comp.type
_chem_comp.name
_chem_comp.formula
NAD non-polymer NICOTINAMIDE-ADENINE-DINUCLEOTIDE 'C21 H27 N7 O14 P2'
#
# COMPACT_ATOMS: atom_id res chain seq x y z
N MET A 22 36.13 -25.02 6.95
CA MET A 22 35.92 -23.66 6.34
C MET A 22 34.56 -23.52 5.62
N SER A 23 34.35 -24.37 4.60
CA SER A 23 33.19 -24.28 3.73
C SER A 23 32.06 -25.24 4.14
N VAL A 24 30.86 -24.67 4.26
CA VAL A 24 29.70 -25.45 4.64
C VAL A 24 29.01 -25.93 3.37
N ARG A 25 28.86 -27.25 3.30
CA ARG A 25 28.26 -27.93 2.16
C ARG A 25 26.73 -27.90 2.23
N VAL A 26 26.13 -27.12 1.34
CA VAL A 26 24.66 -27.05 1.26
C VAL A 26 24.06 -27.76 0.04
N ALA A 27 22.80 -28.17 0.19
CA ALA A 27 21.97 -28.56 -0.95
C ALA A 27 20.67 -27.76 -0.98
N ILE A 28 20.29 -27.28 -2.15
CA ILE A 28 19.07 -26.53 -2.33
C ILE A 28 17.95 -27.46 -2.79
N ASN A 29 16.92 -27.66 -1.97
CA ASN A 29 15.76 -28.45 -2.39
C ASN A 29 14.68 -27.47 -2.88
N GLY A 30 14.35 -27.56 -4.16
CA GLY A 30 13.42 -26.66 -4.83
C GLY A 30 14.16 -25.46 -5.39
N PHE A 31 14.32 -25.42 -6.71
CA PHE A 31 15.13 -24.42 -7.38
C PHE A 31 14.22 -23.28 -7.94
N GLY A 32 13.39 -22.72 -7.07
CA GLY A 32 12.38 -21.76 -7.45
C GLY A 32 12.93 -20.42 -7.17
N ARG A 33 12.08 -19.42 -7.06
CA ARG A 33 12.60 -18.07 -7.01
C ARG A 33 13.68 -18.04 -5.96
N ILE A 34 13.32 -18.25 -4.69
CA ILE A 34 14.24 -18.17 -3.55
C ILE A 34 15.48 -19.08 -3.63
N GLY A 35 15.27 -20.30 -4.13
CA GLY A 35 16.35 -21.26 -4.33
C GLY A 35 17.37 -20.72 -5.30
N ARG A 36 16.87 -20.09 -6.37
CA ARG A 36 17.75 -19.53 -7.40
C ARG A 36 18.40 -18.27 -6.87
N ASN A 37 17.67 -17.58 -5.99
CA ASN A 37 18.14 -16.35 -5.46
C ASN A 37 19.22 -16.56 -4.40
N ILE A 38 19.08 -17.68 -3.68
CA ILE A 38 20.16 -18.16 -2.83
C ILE A 38 21.43 -18.30 -3.66
N LEU A 39 21.33 -18.95 -4.82
CA LEU A 39 22.53 -19.27 -5.58
C LEU A 39 23.18 -17.98 -6.03
N ARG A 40 22.37 -17.12 -6.65
CA ARG A 40 22.77 -15.82 -7.14
C ARG A 40 23.40 -14.93 -6.03
N ALA A 41 22.81 -14.93 -4.83
CA ALA A 41 23.39 -14.19 -3.71
C ALA A 41 24.77 -14.71 -3.38
N ILE A 42 24.95 -16.03 -3.35
CA ILE A 42 26.28 -16.60 -3.12
C ILE A 42 27.31 -16.11 -4.15
N ILE A 43 27.02 -16.21 -5.45
CA ILE A 43 27.99 -15.75 -6.44
C ILE A 43 28.23 -14.25 -6.41
N GLU A 44 27.16 -13.46 -6.43
CA GLU A 44 27.31 -12.00 -6.37
C GLU A 44 28.15 -11.49 -5.21
N SER A 45 27.83 -11.91 -3.99
CA SER A 45 28.51 -11.41 -2.78
C SER A 45 30.00 -11.77 -2.77
N GLY A 46 30.40 -12.72 -3.59
CA GLY A 46 31.78 -13.15 -3.55
C GLY A 46 32.15 -14.03 -2.35
N ARG A 47 31.18 -14.36 -1.47
CA ARG A 47 31.48 -15.15 -0.26
C ARG A 47 32.08 -16.49 -0.60
N GLN A 48 32.93 -17.01 0.27
CA GLN A 48 33.62 -18.29 0.00
C GLN A 48 33.31 -19.35 1.07
N ASP A 49 32.31 -19.07 1.91
CA ASP A 49 32.03 -19.95 3.04
C ASP A 49 30.94 -20.98 2.77
N ILE A 50 30.33 -20.96 1.59
CA ILE A 50 29.26 -21.88 1.24
C ILE A 50 29.50 -22.56 -0.12
N GLU A 51 29.50 -23.89 -0.13
CA GLU A 51 29.54 -24.68 -1.34
C GLU A 51 28.14 -25.27 -1.63
N VAL A 52 27.57 -24.91 -2.79
CA VAL A 52 26.35 -25.51 -3.28
C VAL A 52 26.70 -26.74 -4.08
N VAL A 53 26.48 -27.88 -3.41
CA VAL A 53 26.89 -29.18 -3.88
C VAL A 53 25.83 -29.79 -4.80
N ALA A 54 24.56 -29.61 -4.45
CA ALA A 54 23.47 -30.14 -5.26
C ALA A 54 22.22 -29.27 -5.26
N LEU A 55 21.35 -29.51 -6.23
CA LEU A 55 20.01 -28.96 -6.18
C LEU A 55 19.01 -30.02 -6.58
N ASN A 56 17.80 -29.91 -6.03
CA ASN A 56 16.78 -30.86 -6.37
C ASN A 56 15.53 -30.12 -6.83
N ASP A 57 14.90 -30.71 -7.82
CA ASP A 57 13.75 -30.10 -8.46
C ASP A 57 13.25 -31.04 -9.52
N LEU A 58 11.92 -31.13 -9.63
CA LEU A 58 11.32 -32.11 -10.54
C LEU A 58 11.04 -31.64 -11.97
N GLY A 59 11.33 -30.37 -12.25
CA GLY A 59 11.21 -29.87 -13.60
C GLY A 59 12.49 -30.14 -14.38
N SER A 60 12.51 -29.72 -15.65
CA SER A 60 13.63 -30.04 -16.55
C SER A 60 14.91 -29.46 -16.03
N VAL A 61 16.01 -30.18 -16.20
CA VAL A 61 17.30 -29.61 -15.88
C VAL A 61 17.59 -28.40 -16.79
N GLU A 62 17.07 -28.47 -18.01
CA GLU A 62 17.35 -27.48 -19.01
C GLU A 62 16.59 -26.23 -18.66
N THR A 63 15.31 -26.40 -18.37
CA THR A 63 14.48 -25.31 -17.92
C THR A 63 15.08 -24.67 -16.64
N ASN A 64 15.55 -25.47 -15.69
CA ASN A 64 16.19 -24.88 -14.49
C ASN A 64 17.36 -23.94 -14.76
N ALA A 65 18.31 -24.37 -15.59
CA ALA A 65 19.42 -23.52 -16.08
C ALA A 65 18.94 -22.24 -16.83
N HIS A 66 17.84 -22.36 -17.55
CA HIS A 66 17.38 -21.23 -18.29
C HIS A 66 16.82 -20.15 -17.34
N LEU A 67 16.20 -20.58 -16.25
CA LEU A 67 15.57 -19.67 -15.29
C LEU A 67 16.61 -19.04 -14.40
N LEU A 68 17.73 -19.73 -14.28
CA LEU A 68 18.85 -19.22 -13.55
C LEU A 68 19.49 -18.08 -14.38
N ARG A 69 19.58 -18.29 -15.68
CA ARG A 69 20.23 -17.41 -16.63
C ARG A 69 19.55 -16.09 -16.69
N TYR A 70 18.23 -16.13 -16.75
CA TYR A 70 17.42 -14.92 -17.03
C TYR A 70 16.35 -14.77 -16.01
N ASP A 71 16.34 -13.62 -15.35
CA ASP A 71 15.29 -13.33 -14.39
C ASP A 71 14.68 -11.94 -14.65
N SER A 72 13.35 -11.87 -14.61
CA SER A 72 12.63 -10.67 -14.95
C SER A 72 12.77 -9.62 -13.88
N VAL A 73 13.07 -10.04 -12.66
CA VAL A 73 13.26 -9.07 -11.58
C VAL A 73 14.73 -8.78 -11.42
N HIS A 74 15.58 -9.81 -11.40
CA HIS A 74 16.97 -9.63 -10.96
C HIS A 74 17.96 -9.55 -12.09
N GLY A 75 17.49 -9.71 -13.33
CA GLY A 75 18.36 -9.53 -14.50
C GLY A 75 19.12 -10.80 -14.83
N CYS A 76 20.15 -10.66 -15.63
CA CYS A 76 20.98 -11.78 -16.09
C CYS A 76 21.80 -12.33 -14.97
N PHE A 77 21.93 -13.64 -14.93
CA PHE A 77 22.91 -14.27 -14.06
C PHE A 77 24.28 -13.63 -14.28
N PRO A 78 25.03 -13.36 -13.20
CA PRO A 78 26.34 -12.77 -13.42
C PRO A 78 27.36 -13.91 -13.53
N GLY A 79 27.55 -14.36 -14.78
CA GLY A 79 28.45 -15.46 -15.10
C GLY A 79 27.87 -16.32 -16.19
N THR A 80 28.52 -17.44 -16.44
CA THR A 80 28.10 -18.38 -17.46
C THR A 80 27.34 -19.56 -16.83
N VAL A 81 26.41 -20.15 -17.59
CA VAL A 81 25.58 -21.26 -17.06
C VAL A 81 25.38 -22.37 -18.11
N GLN A 82 26.05 -23.50 -17.90
CA GLN A 82 25.95 -24.58 -18.87
C GLN A 82 25.36 -25.85 -18.27
N VAL A 83 24.59 -26.57 -19.05
CA VAL A 83 24.17 -27.90 -18.64
C VAL A 83 25.19 -28.92 -19.20
N VAL A 84 25.87 -29.59 -18.29
CA VAL A 84 26.80 -30.66 -18.66
C VAL A 84 26.47 -31.97 -17.93
N GLY A 85 25.99 -32.96 -18.70
CA GLY A 85 25.52 -34.20 -18.12
C GLY A 85 24.43 -34.02 -17.07
N ASP A 86 24.70 -34.50 -15.86
CA ASP A 86 23.70 -34.45 -14.80
C ASP A 86 23.89 -33.26 -13.88
N ALA A 87 24.65 -32.26 -14.32
CA ALA A 87 24.94 -31.12 -13.46
C ALA A 87 24.85 -29.77 -14.18
N ILE A 88 24.82 -28.69 -13.43
CA ILE A 88 24.82 -27.37 -14.02
C ILE A 88 26.17 -26.78 -13.67
N ASP A 89 26.87 -26.31 -14.70
CA ASP A 89 28.17 -25.72 -14.56
C ASP A 89 28.02 -24.22 -14.46
N ILE A 90 28.55 -23.71 -13.36
CA ILE A 90 28.86 -22.29 -13.13
C ILE A 90 30.32 -22.33 -12.61
N LEU A 94 30.46 -26.37 -10.43
CA LEU A 94 29.77 -27.61 -10.92
C LEU A 94 28.75 -28.27 -9.97
N ILE A 95 27.46 -27.96 -10.16
CA ILE A 95 26.40 -28.35 -9.23
C ILE A 95 25.54 -29.55 -9.69
N LYS A 96 25.53 -30.61 -8.89
CA LYS A 96 24.74 -31.79 -9.24
C LYS A 96 23.24 -31.49 -9.20
N VAL A 97 22.51 -31.95 -10.21
CA VAL A 97 21.07 -31.76 -10.26
C VAL A 97 20.33 -33.06 -9.99
N PHE A 98 19.29 -32.99 -9.15
CA PHE A 98 18.50 -34.20 -8.85
C PHE A 98 17.04 -33.94 -9.10
N ALA A 99 16.28 -35.02 -9.27
CA ALA A 99 14.83 -34.90 -9.31
C ALA A 99 14.18 -35.96 -8.46
N GLU A 100 13.93 -35.63 -7.19
CA GLU A 100 13.17 -36.49 -6.28
C GLU A 100 11.89 -35.85 -5.76
N ARG A 101 10.80 -36.61 -5.92
CA ARG A 101 9.46 -36.25 -5.41
C ARG A 101 9.53 -36.29 -3.89
N ASP A 102 10.29 -37.27 -3.39
CA ASP A 102 10.41 -37.59 -1.98
C ASP A 102 11.82 -37.25 -1.47
N PRO A 103 11.95 -36.10 -0.77
CA PRO A 103 13.23 -35.62 -0.21
C PRO A 103 14.04 -36.70 0.50
N ALA A 104 13.39 -37.70 1.08
CA ALA A 104 14.10 -38.79 1.78
C ALA A 104 14.93 -39.68 0.83
N GLN A 105 14.70 -39.54 -0.46
CA GLN A 105 15.40 -40.34 -1.49
C GLN A 105 16.72 -39.69 -1.93
N LEU A 106 16.93 -38.41 -1.59
CA LEU A 106 18.13 -37.69 -2.00
C LEU A 106 19.41 -38.25 -1.39
N PRO A 107 20.50 -38.31 -2.17
CA PRO A 107 21.73 -38.90 -1.64
C PRO A 107 22.54 -37.96 -0.74
N TRP A 108 21.90 -37.37 0.29
CA TRP A 108 22.57 -36.44 1.20
C TRP A 108 23.72 -37.06 1.98
N LYS A 109 23.57 -38.30 2.46
CA LYS A 109 24.70 -39.03 3.11
C LYS A 109 25.94 -39.15 2.20
N ALA A 110 25.74 -39.73 1.01
CA ALA A 110 26.82 -39.85 0.01
C ALA A 110 27.47 -38.49 -0.33
N LEU A 111 26.67 -37.44 -0.36
CA LEU A 111 27.19 -36.14 -0.73
C LEU A 111 27.69 -35.28 0.45
N ASP A 112 27.78 -35.86 1.64
CA ASP A 112 28.29 -35.12 2.81
C ASP A 112 27.61 -33.72 2.93
N ILE A 113 26.28 -33.69 2.83
CA ILE A 113 25.54 -32.45 3.01
C ILE A 113 25.47 -31.95 4.47
N ASP A 114 26.11 -30.81 4.76
CA ASP A 114 25.95 -30.17 6.07
C ASP A 114 24.53 -29.63 6.31
N ILE A 115 24.03 -28.83 5.37
CA ILE A 115 22.74 -28.18 5.59
C ILE A 115 21.86 -28.25 4.39
N ALA A 116 20.69 -28.82 4.57
CA ALA A 116 19.73 -28.90 3.48
C ALA A 116 18.88 -27.64 3.54
N LEU A 117 18.77 -26.94 2.42
CA LEU A 117 17.96 -25.73 2.38
C LEU A 117 16.61 -26.10 1.76
N GLU A 118 15.60 -26.21 2.60
CA GLU A 118 14.26 -26.56 2.15
C GLU A 118 13.59 -25.33 1.51
N CYS A 119 13.48 -25.33 0.18
CA CYS A 119 12.95 -24.15 -0.48
C CYS A 119 11.68 -24.37 -1.29
N THR A 120 11.16 -25.59 -1.32
CA THR A 120 10.05 -25.91 -2.23
C THR A 120 8.72 -25.24 -1.85
N GLY A 121 8.54 -24.96 -0.56
CA GLY A 121 7.33 -24.31 -0.06
C GLY A 121 6.26 -25.32 0.37
N ILE A 122 6.52 -26.61 0.14
CA ILE A 122 5.51 -27.64 0.45
C ILE A 122 5.92 -28.62 1.55
N PHE A 123 7.12 -28.44 2.09
CA PHE A 123 7.58 -29.26 3.19
C PHE A 123 8.00 -28.37 4.34
N THR A 124 7.23 -27.31 4.62
CA THR A 124 7.68 -26.34 5.59
C THR A 124 7.60 -26.90 7.00
N ALA A 125 6.69 -27.84 7.22
CA ALA A 125 6.52 -28.48 8.53
C ALA A 125 7.79 -29.20 8.95
N ARG A 126 8.12 -29.07 10.25
CA ARG A 126 9.25 -29.78 10.88
C ARG A 126 9.19 -31.27 10.60
N ASP A 127 7.99 -31.87 10.68
CA ASP A 127 7.79 -33.30 10.33
C ASP A 127 8.32 -33.52 8.94
N LYS A 128 7.79 -32.70 8.05
CA LYS A 128 8.00 -32.83 6.64
C LYS A 128 9.48 -32.58 6.29
N ALA A 129 10.03 -31.46 6.74
CA ALA A 129 11.43 -31.10 6.42
C ALA A 129 12.51 -32.03 7.01
N SER A 130 12.19 -32.68 8.13
CA SER A 130 13.13 -33.63 8.72
C SER A 130 13.48 -34.80 7.80
N ALA A 131 12.75 -34.94 6.68
CA ALA A 131 13.09 -35.93 5.64
C ALA A 131 14.57 -35.78 5.13
N HIS A 132 15.07 -34.54 5.09
CA HIS A 132 16.47 -34.30 4.72
C HIS A 132 17.45 -34.85 5.73
N LEU A 133 17.00 -35.00 6.98
CA LEU A 133 17.83 -35.67 7.98
C LEU A 133 17.89 -37.15 7.67
N ASP A 134 16.72 -37.72 7.36
CA ASP A 134 16.60 -39.11 6.95
C ASP A 134 17.55 -39.42 5.77
N ALA A 135 17.55 -38.56 4.77
CA ALA A 135 18.47 -38.65 3.63
C ALA A 135 19.94 -38.38 3.98
N GLY A 136 20.21 -37.86 5.18
CA GLY A 136 21.61 -37.73 5.65
C GLY A 136 22.24 -36.36 5.61
N ALA A 137 21.43 -35.32 5.39
CA ALA A 137 21.88 -33.94 5.65
C ALA A 137 22.09 -33.81 7.15
N LYS A 138 23.11 -33.09 7.59
CA LYS A 138 23.37 -33.03 9.04
C LYS A 138 22.37 -32.09 9.76
N ARG A 139 21.90 -31.08 9.03
CA ARG A 139 20.91 -30.12 9.55
C ARG A 139 19.95 -29.72 8.42
N VAL A 140 18.83 -29.09 8.76
CA VAL A 140 17.90 -28.53 7.78
C VAL A 140 17.54 -27.10 8.12
N LEU A 141 17.49 -26.26 7.09
CA LEU A 141 17.01 -24.87 7.20
C LEU A 141 15.88 -24.59 6.19
N VAL A 142 14.73 -24.20 6.74
CA VAL A 142 13.50 -24.03 5.99
C VAL A 142 13.37 -22.55 5.59
N SER A 143 13.07 -22.28 4.31
CA SER A 143 13.09 -20.89 3.85
C SER A 143 11.76 -20.20 4.07
N ALA A 144 11.13 -20.51 5.19
CA ALA A 144 9.76 -20.09 5.49
C ALA A 144 9.45 -20.47 6.92
N PRO A 145 8.40 -19.87 7.49
CA PRO A 145 7.98 -20.32 8.83
C PRO A 145 7.81 -21.84 8.82
N SER A 146 8.25 -22.48 9.89
CA SER A 146 8.05 -23.93 10.03
C SER A 146 7.31 -24.31 11.31
N GLU A 147 6.26 -25.13 11.13
CA GLU A 147 5.43 -25.62 12.21
C GLU A 147 6.19 -26.65 13.04
N GLY A 148 6.47 -26.34 14.31
CA GLY A 148 7.34 -27.20 15.13
C GLY A 148 8.84 -26.99 14.90
N ALA A 149 9.21 -25.90 14.23
CA ALA A 149 10.61 -25.49 14.13
C ALA A 149 11.30 -25.57 15.47
N ASP A 150 12.52 -26.10 15.46
CA ASP A 150 13.35 -26.18 16.66
C ASP A 150 13.68 -24.76 17.15
N LEU A 151 13.73 -23.83 16.17
CA LEU A 151 14.04 -22.44 16.35
C LEU A 151 13.65 -21.67 15.08
N THR A 152 13.09 -20.47 15.25
CA THR A 152 12.85 -19.54 14.15
C THR A 152 13.86 -18.42 14.34
N VAL A 153 14.70 -18.24 13.31
CA VAL A 153 15.84 -17.34 13.38
C VAL A 153 15.68 -16.13 12.46
N VAL A 154 15.90 -14.93 13.01
CA VAL A 154 16.05 -13.71 12.22
C VAL A 154 17.52 -13.35 12.38
N TYR A 155 18.30 -13.68 11.36
CA TYR A 155 19.73 -13.46 11.46
C TYR A 155 20.01 -12.00 11.81
N GLY A 156 21.03 -11.78 12.64
CA GLY A 156 21.40 -10.44 13.13
C GLY A 156 20.62 -10.04 14.37
N VAL A 157 19.63 -10.84 14.75
CA VAL A 157 18.77 -10.56 15.90
C VAL A 157 18.82 -11.70 16.92
N ASN A 158 18.56 -12.93 16.48
CA ASN A 158 18.57 -14.08 17.41
C ASN A 158 19.32 -15.34 16.96
N HIS A 159 20.18 -15.25 15.95
CA HIS A 159 20.90 -16.45 15.50
C HIS A 159 21.92 -16.94 16.51
N GLN A 160 22.26 -16.12 17.49
CA GLN A 160 23.26 -16.48 18.47
C GLN A 160 22.73 -17.57 19.42
N PHE A 161 21.41 -17.79 19.40
CA PHE A 161 20.77 -18.76 20.27
C PHE A 161 20.89 -20.18 19.70
N LEU A 162 21.38 -20.29 18.46
CA LEU A 162 21.52 -21.57 17.78
C LEU A 162 22.57 -22.47 18.43
N SER A 163 22.23 -23.73 18.66
CA SER A 163 23.14 -24.68 19.31
C SER A 163 22.86 -26.11 18.91
N LYS A 164 23.75 -27.04 19.31
CA LYS A 164 23.60 -28.49 19.09
C LYS A 164 22.23 -29.08 19.39
N GLU A 165 21.42 -28.34 20.17
CA GLU A 165 20.05 -28.76 20.46
C GLU A 165 19.09 -28.50 19.29
N HIS A 166 19.55 -27.81 18.23
CA HIS A 166 18.70 -27.47 17.08
C HIS A 166 19.14 -28.21 15.82
N HIS A 167 18.22 -28.92 15.16
CA HIS A 167 18.54 -29.71 13.94
C HIS A 167 17.78 -29.26 12.68
N VAL A 168 16.51 -28.89 12.87
CA VAL A 168 15.62 -28.37 11.83
C VAL A 168 15.11 -27.01 12.31
N ILE A 169 15.51 -25.94 11.61
CA ILE A 169 15.16 -24.58 12.00
C ILE A 169 14.49 -23.79 10.87
N SER A 170 13.84 -22.69 11.25
CA SER A 170 13.16 -21.84 10.29
C SER A 170 13.94 -20.56 10.11
N ASN A 171 13.95 -20.02 8.89
CA ASN A 171 14.54 -18.71 8.67
C ASN A 171 13.56 -17.52 8.82
N ALA A 172 12.39 -17.80 9.40
CA ALA A 172 11.27 -16.86 9.47
C ALA A 172 10.78 -16.48 8.08
N SER A 173 10.21 -15.31 7.94
CA SER A 173 9.79 -14.85 6.62
C SER A 173 10.51 -13.57 6.28
N CYS A 174 10.32 -13.13 5.04
CA CYS A 174 10.88 -11.87 4.61
C CYS A 174 10.37 -10.77 5.52
N THR A 175 9.05 -10.73 5.74
CA THR A 175 8.43 -9.72 6.55
C THR A 175 8.92 -9.71 8.00
N THR A 176 9.02 -10.88 8.62
CA THR A 176 9.55 -10.98 9.99
C THR A 176 11.00 -10.49 10.05
N ASN A 177 11.78 -10.91 9.07
CA ASN A 177 13.17 -10.49 8.94
C ASN A 177 13.32 -8.97 8.81
N CYS A 178 12.27 -8.30 8.32
CA CYS A 178 12.29 -6.83 8.18
C CYS A 178 11.85 -6.16 9.48
N LEU A 179 10.74 -6.62 10.03
CA LEU A 179 10.16 -5.98 11.20
C LEU A 179 10.97 -6.14 12.48
N ALA A 180 11.56 -7.31 12.70
CA ALA A 180 12.22 -7.55 13.98
C ALA A 180 13.41 -6.62 14.27
N PRO A 181 14.38 -6.50 13.35
CA PRO A 181 15.48 -5.64 13.80
C PRO A 181 14.99 -4.22 14.15
N VAL A 182 13.99 -3.73 13.43
CA VAL A 182 13.48 -2.39 13.63
C VAL A 182 12.73 -2.35 14.94
N ALA A 183 11.93 -3.38 15.19
CA ALA A 183 11.20 -3.50 16.44
C ALA A 183 12.18 -3.36 17.59
N GLN A 184 13.23 -4.19 17.52
CA GLN A 184 14.27 -4.22 18.55
C GLN A 184 14.83 -2.84 18.84
N VAL A 185 15.23 -2.13 17.80
CA VAL A 185 15.81 -0.82 18.00
C VAL A 185 14.79 0.13 18.65
N LEU A 186 13.56 0.12 18.15
CA LEU A 186 12.51 0.96 18.73
C LEU A 186 12.20 0.62 20.21
N HIS A 187 12.06 -0.68 20.48
CA HIS A 187 11.78 -1.09 21.83
C HIS A 187 12.91 -0.66 22.76
N ASN A 188 14.15 -0.86 22.35
CA ASN A 188 15.28 -0.40 23.18
C ASN A 188 15.34 1.09 23.39
N THR A 189 14.88 1.84 22.41
CA THR A 189 15.04 3.29 22.47
C THR A 189 13.88 3.97 23.20
N VAL A 190 12.65 3.66 22.81
CA VAL A 190 11.45 4.30 23.40
C VAL A 190 10.48 3.33 24.06
N GLY A 191 10.72 2.04 23.93
CA GLY A 191 9.74 1.04 24.30
C GLY A 191 8.44 1.06 23.49
N ILE A 192 8.03 -0.13 23.03
CA ILE A 192 6.79 -0.33 22.29
C ILE A 192 5.74 -0.94 23.19
N GLU A 193 4.71 -0.17 23.52
CA GLU A 193 3.59 -0.64 24.34
C GLU A 193 2.73 -1.63 23.55
N LYS A 194 2.35 -1.22 22.34
CA LYS A 194 1.52 -1.99 21.43
C LYS A 194 1.84 -1.47 20.03
N GLY A 195 1.68 -2.29 19.00
CA GLY A 195 1.89 -1.82 17.62
C GLY A 195 1.11 -2.56 16.56
N PHE A 196 0.59 -1.83 15.56
CA PHE A 196 -0.01 -2.45 14.37
C PHE A 196 0.78 -2.30 13.04
N MET A 197 1.00 -3.43 12.37
CA MET A 197 1.78 -3.46 11.13
C MET A 197 0.95 -3.80 9.90
N THR A 198 0.98 -2.92 8.92
CA THR A 198 0.50 -3.25 7.59
C THR A 198 1.71 -3.32 6.67
N THR A 199 1.88 -4.47 6.01
CA THR A 199 2.94 -4.60 5.02
C THR A 199 2.30 -4.47 3.66
N ILE A 200 2.81 -3.53 2.87
CA ILE A 200 2.35 -3.30 1.49
C ILE A 200 3.32 -4.10 0.66
N HIS A 201 2.81 -5.15 0.05
CA HIS A 201 3.65 -6.24 -0.44
C HIS A 201 3.47 -6.48 -1.95
N SER A 202 4.57 -6.80 -2.63
CA SER A 202 4.55 -7.11 -4.05
C SER A 202 3.86 -8.44 -4.22
N TYR A 203 3.28 -8.68 -5.38
CA TYR A 203 2.75 -10.04 -5.63
C TYR A 203 3.75 -11.17 -5.60
N THR A 204 3.31 -12.30 -5.06
CA THR A 204 4.17 -13.48 -4.99
C THR A 204 3.64 -14.64 -5.82
N GLY A 205 4.47 -15.67 -5.94
CA GLY A 205 4.22 -16.84 -6.77
C GLY A 205 2.92 -17.59 -6.51
N ASP A 206 2.36 -17.48 -5.31
CA ASP A 206 1.10 -18.18 -5.04
C ASP A 206 -0.13 -17.37 -5.46
N GLN A 207 0.07 -16.27 -6.16
CA GLN A 207 -1.04 -15.50 -6.67
C GLN A 207 -1.17 -15.72 -8.17
N PRO A 208 -2.39 -15.60 -8.71
CA PRO A 208 -2.55 -15.91 -10.13
C PRO A 208 -2.67 -14.65 -10.96
N VAL A 209 -2.53 -14.76 -12.27
CA VAL A 209 -2.53 -13.59 -13.08
C VAL A 209 -3.97 -13.15 -13.28
N LEU A 210 -4.87 -14.14 -13.26
CA LEU A 210 -6.29 -13.84 -13.41
C LEU A 210 -7.01 -14.62 -12.33
N ASP A 211 -8.21 -14.15 -11.99
CA ASP A 211 -9.08 -14.77 -10.97
C ASP A 211 -9.30 -16.28 -11.18
N THR A 212 -8.94 -17.09 -10.18
CA THR A 212 -9.07 -18.54 -10.31
C THR A 212 -9.02 -19.30 -8.99
N MET A 213 -9.54 -20.54 -9.04
CA MET A 213 -9.67 -21.43 -7.88
C MET A 213 -8.49 -21.32 -6.95
N HIS A 214 -8.77 -21.16 -5.66
CA HIS A 214 -7.71 -20.93 -4.68
C HIS A 214 -8.14 -21.31 -3.22
N ARG A 215 -7.16 -21.64 -2.37
CA ARG A 215 -7.38 -21.90 -0.94
C ARG A 215 -7.91 -20.65 -0.22
N ASP A 216 -7.48 -19.46 -0.68
CA ASP A 216 -7.88 -18.21 -0.04
C ASP A 216 -8.57 -17.34 -1.06
N LEU A 217 -9.73 -16.81 -0.67
CA LEU A 217 -10.56 -15.98 -1.53
C LEU A 217 -9.95 -14.60 -1.89
N TYR A 218 -9.15 -14.04 -0.99
CA TYR A 218 -8.36 -12.85 -1.31
C TYR A 218 -7.33 -13.14 -2.41
N ARG A 219 -6.42 -14.08 -2.15
CA ARG A 219 -5.33 -14.36 -3.08
C ARG A 219 -5.73 -15.08 -4.36
N ALA A 220 -7.02 -15.14 -4.66
CA ALA A 220 -7.49 -15.83 -5.83
C ALA A 220 -7.75 -14.89 -6.97
N ARG A 221 -7.58 -13.61 -6.72
CA ARG A 221 -7.85 -12.66 -7.75
C ARG A 221 -6.63 -12.18 -8.50
N ALA A 222 -6.87 -11.72 -9.71
CA ALA A 222 -5.87 -11.15 -10.57
C ALA A 222 -4.86 -10.33 -9.81
N ALA A 223 -3.63 -10.78 -9.77
CA ALA A 223 -2.65 -10.16 -8.90
C ALA A 223 -2.17 -8.77 -9.27
N ALA A 224 -2.15 -8.46 -10.53
CA ALA A 224 -1.65 -7.20 -10.99
C ALA A 224 -2.71 -6.17 -11.25
N LEU A 225 -3.92 -6.45 -10.78
CA LEU A 225 -5.03 -5.56 -11.02
C LEU A 225 -5.62 -4.88 -9.80
N SER A 226 -5.21 -5.25 -8.60
CA SER A 226 -5.90 -4.77 -7.41
C SER A 226 -4.97 -4.62 -6.25
N MET A 227 -5.37 -3.83 -5.26
CA MET A 227 -4.82 -3.94 -3.91
C MET A 227 -5.61 -5.08 -3.22
N ILE A 228 -4.89 -6.07 -2.71
CA ILE A 228 -5.53 -7.23 -2.14
C ILE A 228 -5.09 -7.37 -0.70
N PRO A 229 -6.03 -7.23 0.24
CA PRO A 229 -5.69 -7.44 1.65
C PRO A 229 -5.51 -8.92 1.88
N THR A 230 -4.58 -9.27 2.75
CA THR A 230 -4.19 -10.66 2.98
C THR A 230 -3.54 -10.82 4.37
N SER A 231 -3.39 -12.06 4.81
CA SER A 231 -2.92 -12.33 6.16
C SER A 231 -1.41 -12.48 6.18
N THR A 232 -0.79 -12.04 7.27
CA THR A 232 0.62 -12.32 7.54
C THR A 232 0.83 -12.71 9.00
N GLY A 233 1.69 -13.71 9.20
CA GLY A 233 2.01 -14.20 10.53
C GLY A 233 3.17 -13.48 11.20
N ALA A 234 3.71 -12.47 10.50
CA ALA A 234 4.98 -11.86 10.90
C ALA A 234 4.94 -11.12 12.24
N ALA A 235 3.83 -10.49 12.59
CA ALA A 235 3.80 -9.70 13.83
C ALA A 235 3.83 -10.59 15.09
N LYS A 236 3.03 -11.64 15.09
CA LYS A 236 3.10 -12.69 16.08
C LYS A 236 4.53 -13.21 16.18
N ALA A 237 5.15 -13.53 15.04
CA ALA A 237 6.48 -14.12 15.01
C ALA A 237 7.53 -13.23 15.67
N VAL A 238 7.39 -11.92 15.48
CA VAL A 238 8.31 -10.97 16.10
C VAL A 238 8.11 -11.01 17.60
N GLY A 239 6.93 -11.46 18.02
CA GLY A 239 6.63 -11.68 19.44
C GLY A 239 7.49 -12.79 20.03
N LEU A 240 7.96 -13.70 19.17
CA LEU A 240 8.76 -14.82 19.63
C LEU A 240 10.24 -14.52 19.60
N VAL A 241 10.74 -14.00 18.47
CA VAL A 241 12.15 -13.61 18.34
C VAL A 241 12.53 -12.58 19.40
N LEU A 242 11.57 -11.75 19.78
CA LEU A 242 11.74 -10.75 20.84
C LEU A 242 10.69 -10.94 21.94
N PRO A 243 10.96 -11.85 22.88
CA PRO A 243 9.92 -12.29 23.82
C PRO A 243 9.33 -11.12 24.62
N GLU A 244 10.08 -10.03 24.73
CA GLU A 244 9.61 -8.83 25.43
C GLU A 244 8.33 -8.25 24.79
N LEU A 245 8.09 -8.63 23.51
CA LEU A 245 6.99 -8.10 22.72
C LEU A 245 5.85 -9.08 22.43
N LYS A 246 5.89 -10.28 23.00
CA LYS A 246 4.82 -11.26 22.75
C LYS A 246 3.45 -10.61 22.93
N GLY A 247 2.58 -10.79 21.94
CA GLY A 247 1.21 -10.31 22.03
C GLY A 247 0.98 -8.80 21.93
N LEU A 248 2.06 -8.02 21.78
CA LEU A 248 1.92 -6.57 21.66
C LEU A 248 1.82 -6.07 20.19
N LEU A 249 2.01 -6.98 19.23
CA LEU A 249 1.97 -6.62 17.82
C LEU A 249 0.96 -7.47 17.08
N ASP A 250 0.25 -6.87 16.14
CA ASP A 250 -0.49 -7.64 15.15
C ASP A 250 -0.22 -7.01 13.80
N GLY A 251 -0.73 -7.62 12.74
CA GLY A 251 -0.30 -7.28 11.38
C GLY A 251 -1.13 -7.93 10.29
N VAL A 252 -1.11 -7.29 9.13
CA VAL A 252 -1.83 -7.75 7.98
C VAL A 252 -0.99 -7.36 6.77
N SER A 253 -1.43 -7.78 5.58
CA SER A 253 -0.73 -7.33 4.41
C SER A 253 -1.71 -6.77 3.38
N ILE A 254 -1.18 -5.94 2.47
CA ILE A 254 -1.91 -5.54 1.26
C ILE A 254 -1.02 -5.81 0.05
N ARG A 255 -1.49 -6.68 -0.84
CA ARG A 255 -0.72 -7.06 -2.05
C ARG A 255 -1.05 -6.05 -3.12
N VAL A 256 -0.03 -5.55 -3.83
CA VAL A 256 -0.24 -4.49 -4.86
C VAL A 256 0.50 -4.83 -6.18
N PRO A 257 0.14 -4.18 -7.30
CA PRO A 257 0.74 -4.60 -8.57
C PRO A 257 2.24 -4.24 -8.78
N THR A 258 3.12 -4.72 -7.91
CA THR A 258 4.55 -4.62 -8.22
C THR A 258 5.14 -6.01 -8.08
N PRO A 259 6.16 -6.34 -8.90
CA PRO A 259 6.71 -7.70 -8.95
C PRO A 259 7.69 -8.02 -7.83
N ASN A 260 8.19 -7.01 -7.14
CA ASN A 260 9.22 -7.21 -6.10
C ASN A 260 9.43 -5.97 -5.27
N VAL A 261 9.82 -6.17 -4.02
CA VAL A 261 10.09 -5.11 -2.99
C VAL A 261 8.81 -4.79 -2.24
N SER A 262 8.91 -4.76 -0.92
CA SER A 262 7.80 -4.62 -0.07
C SER A 262 8.18 -3.66 1.04
N VAL A 263 7.24 -3.38 1.93
CA VAL A 263 7.43 -2.35 2.93
C VAL A 263 6.53 -2.55 4.11
N VAL A 264 7.11 -2.30 5.27
CA VAL A 264 6.41 -2.44 6.52
C VAL A 264 5.94 -1.03 6.88
N ASP A 265 4.63 -0.86 7.11
CA ASP A 265 4.12 0.41 7.61
C ASP A 265 3.72 0.14 9.05
N LEU A 266 4.52 0.65 9.97
CA LEU A 266 4.28 0.36 11.39
C LEU A 266 3.83 1.56 12.21
N THR A 267 2.68 1.39 12.88
CA THR A 267 2.19 2.37 13.82
C THR A 267 2.21 1.76 15.21
N PHE A 268 2.91 2.41 16.13
CA PHE A 268 2.97 1.90 17.51
C PHE A 268 2.89 3.04 18.49
N THR A 269 2.49 2.70 19.71
CA THR A 269 2.48 3.66 20.79
C THR A 269 3.70 3.43 21.64
N ALA A 270 4.41 4.53 21.95
CA ALA A 270 5.69 4.49 22.67
C ALA A 270 5.52 4.61 24.18
N LYS A 271 6.31 3.87 24.94
CA LYS A 271 6.22 3.91 26.39
C LYS A 271 6.67 5.25 27.02
N ARG A 272 7.56 5.96 26.34
CA ARG A 272 8.02 7.29 26.76
C ARG A 272 7.85 8.32 25.64
N SER A 273 7.53 9.56 25.99
CA SER A 273 7.49 10.65 25.03
C SER A 273 8.78 10.83 24.21
N THR A 274 8.64 10.91 22.88
CA THR A 274 9.77 10.95 21.95
C THR A 274 9.57 11.85 20.70
N THR A 275 10.56 11.85 19.81
CA THR A 275 10.58 12.68 18.60
C THR A 275 11.07 11.91 17.39
N ILE A 276 10.87 12.50 16.21
CA ILE A 276 11.36 11.94 14.97
C ILE A 276 12.88 11.77 15.02
N GLU A 277 13.57 12.82 15.44
CA GLU A 277 15.02 12.82 15.48
C GLU A 277 15.51 11.74 16.44
N GLU A 278 14.83 11.60 17.56
CA GLU A 278 15.20 10.55 18.51
C GLU A 278 15.16 9.17 17.85
N ILE A 279 14.04 8.82 17.22
CA ILE A 279 13.87 7.54 16.52
C ILE A 279 14.85 7.36 15.34
N ASN A 280 14.93 8.35 14.46
CA ASN A 280 15.84 8.26 13.32
C ASN A 280 17.29 7.95 13.76
N THR A 281 17.78 8.70 14.76
CA THR A 281 19.13 8.55 15.32
C THR A 281 19.43 7.15 15.88
N ALA A 282 18.46 6.54 16.58
CA ALA A 282 18.69 5.19 17.10
C ALA A 282 18.81 4.22 15.93
N ILE A 283 18.01 4.44 14.90
CA ILE A 283 18.15 3.72 13.65
C ILE A 283 19.56 3.92 13.05
N ARG A 284 20.00 5.17 12.89
CA ARG A 284 21.34 5.39 12.29
C ARG A 284 22.43 4.70 13.08
N THR A 285 22.42 4.90 14.40
CA THR A 285 23.31 4.21 15.30
C THR A 285 23.28 2.69 15.09
N ALA A 286 22.10 2.09 15.13
CA ALA A 286 22.06 0.65 14.98
C ALA A 286 22.63 0.17 13.64
N ALA A 287 22.31 0.92 12.59
CA ALA A 287 22.66 0.58 11.23
C ALA A 287 24.16 0.68 11.03
N GLN A 288 24.78 1.61 11.76
CA GLN A 288 26.20 1.91 11.63
C GLN A 288 26.98 1.06 12.59
N GLY A 289 26.29 0.50 13.59
CA GLY A 289 26.91 -0.28 14.63
C GLY A 289 26.53 -1.74 14.50
N SER A 290 25.88 -2.27 15.53
CA SER A 290 25.73 -3.72 15.66
C SER A 290 24.78 -4.40 14.66
N LEU A 291 23.94 -3.65 13.98
CA LEU A 291 23.13 -4.27 12.92
C LEU A 291 23.60 -3.93 11.49
N LYS A 292 24.87 -3.51 11.37
CA LYS A 292 25.44 -3.17 10.07
C LYS A 292 25.25 -4.34 9.14
N GLY A 293 24.74 -4.06 7.95
CA GLY A 293 24.52 -5.08 6.95
C GLY A 293 23.22 -5.84 7.14
N ILE A 294 22.53 -5.65 8.27
CA ILE A 294 21.16 -6.14 8.43
C ILE A 294 20.15 -5.01 8.32
N LEU A 295 20.46 -3.90 8.96
CA LEU A 295 19.60 -2.75 8.98
C LEU A 295 20.36 -1.64 8.28
N ASP A 296 19.67 -0.90 7.42
CA ASP A 296 20.23 0.30 6.81
C ASP A 296 19.16 1.39 6.88
N TYR A 297 19.48 2.58 6.41
CA TYR A 297 18.48 3.65 6.39
C TYR A 297 18.68 4.50 5.16
N THR A 298 17.68 5.36 4.88
CA THR A 298 17.81 6.40 3.89
C THR A 298 17.25 7.75 4.38
N ASP A 299 17.99 8.82 4.07
CA ASP A 299 17.54 10.19 4.31
C ASP A 299 17.10 10.82 3.00
N GLU A 300 17.09 10.01 1.95
CA GLU A 300 16.69 10.46 0.62
C GLU A 300 15.23 10.16 0.27
N LYS A 301 14.70 10.88 -0.71
CA LYS A 301 13.32 10.64 -1.08
C LYS A 301 13.20 9.53 -2.15
N LEU A 302 13.27 8.27 -1.71
CA LEU A 302 13.32 7.11 -2.61
C LEU A 302 11.95 6.43 -2.77
N VAL A 303 11.79 5.62 -3.82
CA VAL A 303 10.57 4.84 -4.04
C VAL A 303 10.92 3.33 -4.09
N SER A 304 9.93 2.44 -4.06
CA SER A 304 10.20 0.99 -3.99
C SER A 304 11.26 0.42 -4.94
N CYS A 305 11.20 0.80 -6.23
CA CYS A 305 12.14 0.23 -7.20
C CYS A 305 13.63 0.52 -6.87
N ASP A 306 13.90 1.52 -6.03
CA ASP A 306 15.27 1.88 -5.71
C ASP A 306 15.88 0.91 -4.72
N PHE A 307 15.05 0.05 -4.11
CA PHE A 307 15.57 -0.95 -3.17
C PHE A 307 15.60 -2.33 -3.79
N ASN A 308 15.20 -2.43 -5.06
CA ASN A 308 15.27 -3.71 -5.69
C ASN A 308 16.73 -4.11 -5.71
N HIS A 309 16.98 -5.37 -5.40
CA HIS A 309 18.34 -5.94 -5.30
C HIS A 309 19.22 -5.44 -4.14
N ASN A 310 18.62 -4.83 -3.12
CA ASN A 310 19.31 -4.49 -1.88
C ASN A 310 19.32 -5.71 -0.93
N PRO A 311 20.52 -6.10 -0.41
CA PRO A 311 20.74 -7.31 0.46
C PRO A 311 20.40 -7.17 1.96
N HIS A 312 20.04 -5.96 2.41
CA HIS A 312 19.67 -5.75 3.80
C HIS A 312 18.31 -6.39 4.08
N SER A 313 18.07 -6.70 5.35
CA SER A 313 16.77 -7.20 5.80
C SER A 313 15.73 -6.09 5.87
N ALA A 314 16.20 -4.86 6.13
CA ALA A 314 15.33 -3.74 6.39
C ALA A 314 16.09 -2.48 5.94
N ILE A 315 15.42 -1.57 5.24
CA ILE A 315 16.01 -0.26 5.02
C ILE A 315 15.00 0.77 5.50
N PHE A 316 15.35 1.47 6.58
CA PHE A 316 14.44 2.40 7.27
C PHE A 316 14.42 3.75 6.55
N HIS A 317 13.23 4.30 6.37
CA HIS A 317 13.00 5.48 5.55
C HIS A 317 12.73 6.68 6.46
N ASN A 318 13.81 7.38 6.79
CA ASN A 318 13.83 8.47 7.77
C ASN A 318 12.81 9.54 7.49
N ASP A 319 12.66 9.90 6.23
CA ASP A 319 11.67 10.87 5.81
C ASP A 319 10.30 10.59 6.39
N GLN A 320 9.97 9.30 6.58
CA GLN A 320 8.61 8.90 6.87
C GLN A 320 8.27 8.75 8.36
N THR A 321 9.25 8.89 9.23
CA THR A 321 8.94 8.87 10.66
C THR A 321 8.03 10.06 11.06
N LYS A 322 6.88 9.75 11.65
CA LYS A 322 5.94 10.79 12.11
C LYS A 322 5.62 10.46 13.57
N VAL A 323 5.42 11.50 14.38
CA VAL A 323 5.13 11.32 15.79
C VAL A 323 4.05 12.31 16.22
N ILE A 324 2.85 11.83 16.50
CA ILE A 324 1.83 12.69 17.05
C ILE A 324 1.97 12.77 18.57
N ASP A 325 1.94 14.01 19.08
CA ASP A 325 1.89 14.27 20.53
C ASP A 325 2.96 13.48 21.29
N GLY A 326 4.15 13.36 20.71
CA GLY A 326 5.25 12.63 21.33
C GLY A 326 5.09 11.13 21.60
N GLN A 327 3.89 10.58 21.40
CA GLN A 327 3.65 9.18 21.78
C GLN A 327 3.08 8.18 20.76
N LEU A 328 2.39 8.67 19.72
CA LEU A 328 1.92 7.76 18.67
C LEU A 328 2.79 7.93 17.44
N CYS A 329 3.49 6.84 17.07
CA CYS A 329 4.58 6.94 16.12
C CYS A 329 4.36 6.02 14.94
N ARG A 330 4.83 6.45 13.78
CA ARG A 330 4.73 5.66 12.57
C ARG A 330 6.09 5.66 11.87
N VAL A 331 6.51 4.48 11.43
CA VAL A 331 7.73 4.33 10.61
C VAL A 331 7.47 3.51 9.32
N LEU A 332 8.35 3.66 8.35
CA LEU A 332 8.24 2.95 7.07
C LEU A 332 9.60 2.35 6.72
N VAL A 333 9.59 1.06 6.35
CA VAL A 333 10.79 0.23 6.25
C VAL A 333 10.71 -0.71 5.06
N TRP A 334 11.59 -0.47 4.08
CA TRP A 334 11.57 -1.22 2.83
C TRP A 334 12.29 -2.52 3.03
N TYR A 335 11.97 -3.48 2.17
CA TYR A 335 12.75 -4.69 2.10
C TYR A 335 12.55 -5.35 0.77
N ASP A 336 13.66 -5.74 0.14
CA ASP A 336 13.53 -6.58 -1.05
C ASP A 336 13.13 -7.95 -0.55
N ASN A 337 11.88 -8.36 -0.77
CA ASN A 337 11.39 -9.59 -0.17
C ASN A 337 12.04 -10.84 -0.74
N GLU A 338 12.69 -10.73 -1.89
CA GLU A 338 13.43 -11.87 -2.36
C GLU A 338 14.93 -11.77 -2.01
N TRP A 339 15.54 -10.63 -2.31
CA TRP A 339 16.98 -10.52 -2.23
C TRP A 339 17.52 -10.45 -0.79
N GLY A 340 16.82 -9.71 0.06
CA GLY A 340 17.19 -9.61 1.47
C GLY A 340 17.16 -10.99 2.06
N PHE A 341 16.01 -11.61 1.94
CA PHE A 341 15.81 -12.90 2.53
C PHE A 341 16.82 -13.95 2.05
N SER A 342 17.04 -14.04 0.73
CA SER A 342 18.01 -15.02 0.19
C SER A 342 19.40 -14.79 0.74
N ASN A 343 19.83 -13.53 0.87
CA ASN A 343 21.13 -13.31 1.54
C ASN A 343 21.13 -13.75 2.98
N ARG A 344 20.04 -13.52 3.71
CA ARG A 344 19.90 -14.05 5.08
C ARG A 344 19.95 -15.60 5.16
N MET A 345 19.40 -16.28 4.14
CA MET A 345 19.47 -17.74 4.14
C MET A 345 20.92 -18.18 4.21
N CYS A 346 21.80 -17.42 3.57
CA CYS A 346 23.23 -17.71 3.52
C CYS A 346 23.89 -17.53 4.89
N ASP A 347 23.65 -16.38 5.51
CA ASP A 347 24.20 -16.08 6.83
C ASP A 347 23.76 -17.08 7.91
N THR A 348 22.46 -17.41 7.90
CA THR A 348 21.87 -18.33 8.86
C THR A 348 22.48 -19.71 8.69
N ALA A 349 22.62 -20.15 7.45
CA ALA A 349 23.21 -21.45 7.14
C ALA A 349 24.65 -21.54 7.66
N VAL A 350 25.46 -20.50 7.37
CA VAL A 350 26.83 -20.42 7.89
C VAL A 350 26.88 -20.38 9.44
N ALA A 351 26.08 -19.53 10.08
CA ALA A 351 26.08 -19.48 11.55
C ALA A 351 25.66 -20.83 12.15
N PHE A 352 24.78 -21.51 11.42
CA PHE A 352 24.20 -22.78 11.84
C PHE A 352 25.24 -23.86 11.71
N ALA A 353 25.98 -23.84 10.61
CA ALA A 353 27.06 -24.81 10.40
C ALA A 353 28.03 -24.89 11.57
N LYS A 354 28.28 -23.75 12.22
CA LYS A 354 29.24 -23.70 13.32
C LYS A 354 28.80 -24.41 14.56
N THR A 355 27.58 -24.90 14.59
CA THR A 355 27.10 -25.62 15.77
C THR A 355 27.10 -27.13 15.51
N ILE A 356 27.44 -27.52 14.28
CA ILE A 356 27.57 -28.93 13.91
C ILE A 356 28.80 -29.55 14.58
N MET B 22 -35.73 25.15 -8.75
CA MET B 22 -35.84 23.67 -8.96
C MET B 22 -34.49 23.04 -9.34
N SER B 23 -33.83 23.64 -10.34
CA SER B 23 -32.58 23.12 -10.89
C SER B 23 -31.42 24.06 -10.59
N VAL B 24 -30.20 23.54 -10.46
CA VAL B 24 -29.04 24.40 -10.24
C VAL B 24 -28.12 24.50 -11.46
N ARG B 25 -27.86 25.74 -11.86
CA ARG B 25 -27.01 26.03 -13.02
C ARG B 25 -25.52 25.99 -12.66
N VAL B 26 -24.79 25.10 -13.34
CA VAL B 26 -23.37 24.93 -13.09
C VAL B 26 -22.57 25.07 -14.38
N ALA B 27 -21.36 25.60 -14.22
CA ALA B 27 -20.36 25.60 -15.28
C ALA B 27 -19.18 24.81 -14.78
N ILE B 28 -18.66 23.89 -15.59
CA ILE B 28 -17.46 23.09 -15.24
C ILE B 28 -16.21 23.68 -15.87
N ASN B 29 -15.28 24.14 -15.04
CA ASN B 29 -14.01 24.68 -15.53
C ASN B 29 -12.89 23.66 -15.44
N GLY B 30 -12.67 22.96 -16.54
CA GLY B 30 -11.61 21.96 -16.59
C GLY B 30 -12.21 20.59 -16.77
N PHE B 31 -12.42 20.22 -18.02
CA PHE B 31 -13.08 18.98 -18.37
C PHE B 31 -12.09 17.81 -18.33
N GLY B 32 -11.45 17.66 -17.17
CA GLY B 32 -10.40 16.68 -16.94
C GLY B 32 -11.06 15.47 -16.34
N ARG B 33 -10.27 14.58 -15.73
CA ARG B 33 -10.84 13.35 -15.22
C ARG B 33 -12.05 13.67 -14.32
N ILE B 34 -11.92 14.69 -13.50
CA ILE B 34 -12.95 14.97 -12.51
C ILE B 34 -14.10 15.78 -13.11
N GLY B 35 -13.75 16.65 -14.06
CA GLY B 35 -14.72 17.45 -14.78
C GLY B 35 -15.70 16.57 -15.56
N ARG B 36 -15.16 15.60 -16.27
CA ARG B 36 -15.96 14.66 -17.05
C ARG B 36 -16.73 13.69 -16.15
N ASN B 37 -16.18 13.34 -15.01
CA ASN B 37 -16.85 12.39 -14.14
C ASN B 37 -18.00 12.97 -13.36
N ILE B 38 -17.90 14.26 -13.03
CA ILE B 38 -19.04 15.02 -12.53
C ILE B 38 -20.21 14.90 -13.51
N LEU B 39 -19.95 15.12 -14.80
CA LEU B 39 -20.98 14.99 -15.81
C LEU B 39 -21.55 13.56 -15.91
N ARG B 40 -20.70 12.54 -15.86
CA ARG B 40 -21.21 11.16 -15.90
C ARG B 40 -22.04 10.84 -14.67
N ALA B 41 -21.61 11.34 -13.52
CA ALA B 41 -22.33 11.08 -12.28
C ALA B 41 -23.79 11.57 -12.38
N ILE B 42 -23.97 12.81 -12.81
CA ILE B 42 -25.30 13.35 -13.03
C ILE B 42 -26.13 12.44 -13.95
N ILE B 43 -25.57 12.10 -15.12
CA ILE B 43 -26.29 11.26 -16.06
C ILE B 43 -26.65 9.91 -15.43
N GLU B 44 -25.69 9.21 -14.83
CA GLU B 44 -25.97 7.86 -14.31
C GLU B 44 -27.02 7.82 -13.20
N SER B 45 -26.97 8.76 -12.27
CA SER B 45 -27.94 8.79 -11.17
C SER B 45 -29.32 9.24 -11.65
N GLY B 46 -29.35 9.97 -12.76
CA GLY B 46 -30.59 10.48 -13.32
C GLY B 46 -31.22 11.57 -12.48
N ARG B 47 -30.39 12.24 -11.67
CA ARG B 47 -30.84 13.34 -10.84
C ARG B 47 -31.16 14.57 -11.71
N GLN B 48 -32.27 15.21 -11.40
CA GLN B 48 -32.78 16.28 -12.24
C GLN B 48 -32.58 17.62 -11.55
N ASP B 49 -31.80 17.62 -10.47
CA ASP B 49 -31.64 18.80 -9.62
C ASP B 49 -30.48 19.68 -10.04
N ILE B 50 -29.78 19.26 -11.09
CA ILE B 50 -28.60 19.97 -11.53
C ILE B 50 -28.51 19.98 -13.06
N GLU B 51 -28.19 21.15 -13.61
CA GLU B 51 -28.08 21.32 -15.06
C GLU B 51 -26.74 21.90 -15.47
N VAL B 52 -26.00 21.16 -16.28
CA VAL B 52 -24.70 21.63 -16.74
C VAL B 52 -24.93 22.59 -17.90
N VAL B 53 -24.53 23.83 -17.70
CA VAL B 53 -24.77 24.89 -18.69
C VAL B 53 -23.58 25.06 -19.64
N ALA B 54 -22.37 25.10 -19.09
CA ALA B 54 -21.18 25.21 -19.93
C ALA B 54 -19.99 24.49 -19.35
N LEU B 55 -19.02 24.20 -20.22
CA LEU B 55 -17.73 23.70 -19.78
C LEU B 55 -16.58 24.41 -20.48
N ASN B 56 -15.44 24.49 -19.80
CA ASN B 56 -14.25 25.12 -20.34
C ASN B 56 -13.10 24.14 -20.24
N ASP B 57 -12.23 24.14 -21.25
CA ASP B 57 -11.02 23.31 -21.20
C ASP B 57 -9.97 23.84 -22.17
N LEU B 58 -8.80 23.22 -22.13
CA LEU B 58 -7.62 23.78 -22.76
C LEU B 58 -7.66 23.51 -24.26
N GLY B 59 -8.27 22.41 -24.64
CA GLY B 59 -8.10 21.90 -25.99
C GLY B 59 -9.33 21.87 -26.83
N SER B 60 -9.33 20.93 -27.79
CA SER B 60 -10.34 20.87 -28.84
C SER B 60 -11.78 20.74 -28.36
N VAL B 61 -12.71 20.91 -29.27
CA VAL B 61 -14.09 20.64 -29.01
C VAL B 61 -14.29 19.14 -29.21
N GLU B 62 -13.57 18.60 -30.18
CA GLU B 62 -13.76 17.25 -30.66
C GLU B 62 -13.08 16.28 -29.70
N THR B 63 -11.88 16.66 -29.24
CA THR B 63 -11.12 15.85 -28.27
C THR B 63 -11.87 15.69 -26.94
N ASN B 64 -12.47 16.77 -26.42
CA ASN B 64 -13.29 16.70 -25.20
C ASN B 64 -14.42 15.70 -25.38
N ALA B 65 -14.92 15.63 -26.60
CA ALA B 65 -16.04 14.75 -26.93
C ALA B 65 -15.61 13.28 -26.87
N HIS B 66 -14.46 13.02 -27.48
CA HIS B 66 -13.90 11.68 -27.58
C HIS B 66 -13.57 11.12 -26.20
N LEU B 67 -12.92 11.95 -25.38
CA LEU B 67 -12.54 11.60 -24.02
C LEU B 67 -13.76 11.32 -23.15
N LEU B 68 -14.84 12.07 -23.36
CA LEU B 68 -16.05 11.84 -22.60
C LEU B 68 -16.65 10.48 -22.97
N ARG B 69 -16.72 10.21 -24.28
CA ARG B 69 -17.25 8.92 -24.85
C ARG B 69 -16.60 7.68 -24.28
N TYR B 70 -15.26 7.69 -24.24
CA TYR B 70 -14.52 6.47 -23.94
C TYR B 70 -13.55 6.68 -22.80
N ASP B 71 -13.74 5.91 -21.73
CA ASP B 71 -12.94 6.10 -20.54
C ASP B 71 -12.31 4.77 -20.15
N SER B 72 -10.98 4.77 -20.06
CA SER B 72 -10.22 3.52 -19.82
C SER B 72 -10.57 2.84 -18.50
N VAL B 73 -11.01 3.66 -17.53
CA VAL B 73 -11.39 3.22 -16.17
C VAL B 73 -12.89 2.91 -16.05
N HIS B 74 -13.72 3.79 -16.62
CA HIS B 74 -15.17 3.70 -16.43
C HIS B 74 -15.97 3.12 -17.59
N GLY B 75 -15.36 3.05 -18.77
CA GLY B 75 -15.99 2.37 -19.89
C GLY B 75 -16.79 3.33 -20.72
N CYS B 76 -17.67 2.77 -21.55
CA CYS B 76 -18.56 3.55 -22.41
C CYS B 76 -19.31 4.63 -21.65
N PHE B 77 -19.28 5.84 -22.18
CA PHE B 77 -20.22 6.85 -21.77
C PHE B 77 -21.65 6.38 -22.10
N PRO B 78 -22.50 6.23 -21.07
CA PRO B 78 -23.76 5.48 -21.21
C PRO B 78 -24.86 6.21 -21.98
N GLY B 79 -24.49 7.14 -22.86
CA GLY B 79 -25.41 7.77 -23.82
C GLY B 79 -24.75 8.10 -25.15
N THR B 80 -25.34 9.00 -25.91
CA THR B 80 -24.72 9.46 -27.15
C THR B 80 -24.09 10.84 -26.94
N VAL B 81 -22.93 11.06 -27.55
CA VAL B 81 -22.27 12.37 -27.51
C VAL B 81 -22.04 12.86 -28.93
N GLN B 82 -22.78 13.90 -29.31
CA GLN B 82 -22.67 14.52 -30.63
C GLN B 82 -21.95 15.87 -30.55
N VAL B 83 -21.03 16.07 -31.47
CA VAL B 83 -20.38 17.37 -31.67
C VAL B 83 -21.32 18.21 -32.50
N VAL B 84 -21.62 19.42 -32.05
CA VAL B 84 -22.48 20.30 -32.85
C VAL B 84 -22.22 21.79 -32.59
N GLY B 85 -21.55 22.42 -33.56
CA GLY B 85 -20.99 23.77 -33.40
C GLY B 85 -19.82 23.66 -32.45
N ASP B 86 -19.55 24.72 -31.70
CA ASP B 86 -18.72 24.58 -30.50
C ASP B 86 -19.64 24.39 -29.30
N ALA B 87 -20.21 23.19 -29.25
CA ALA B 87 -21.09 22.72 -28.18
C ALA B 87 -21.20 21.19 -28.26
N ILE B 88 -21.43 20.56 -27.12
CA ILE B 88 -21.60 19.12 -27.08
C ILE B 88 -23.04 18.81 -26.72
N ASP B 89 -23.64 17.89 -27.48
CA ASP B 89 -24.99 17.43 -27.23
C ASP B 89 -25.03 16.01 -26.68
N ILE B 90 -25.75 15.81 -25.58
CA ILE B 90 -26.04 14.48 -25.04
C ILE B 90 -27.52 14.31 -24.74
N LEU B 94 -27.86 19.94 -23.95
CA LEU B 94 -26.93 20.78 -24.70
C LEU B 94 -26.09 21.72 -23.84
N ILE B 95 -24.76 21.55 -23.92
CA ILE B 95 -23.75 22.28 -23.12
C ILE B 95 -22.75 23.04 -24.01
N LYS B 96 -22.52 24.32 -23.71
CA LYS B 96 -21.61 25.14 -24.51
C LYS B 96 -20.18 24.93 -24.06
N VAL B 97 -19.25 25.03 -24.99
CA VAL B 97 -17.85 24.68 -24.75
C VAL B 97 -16.95 25.87 -25.08
N PHE B 98 -16.00 26.14 -24.18
CA PHE B 98 -15.04 27.23 -24.32
C PHE B 98 -13.58 26.72 -24.28
N ALA B 99 -12.62 27.63 -24.54
CA ALA B 99 -11.20 27.26 -24.54
C ALA B 99 -10.22 28.37 -24.11
N GLU B 100 -10.69 29.27 -23.22
CA GLU B 100 -9.85 30.34 -22.67
C GLU B 100 -9.12 29.84 -21.41
N ARG B 101 -7.80 29.69 -21.48
CA ARG B 101 -6.98 29.24 -20.34
C ARG B 101 -7.13 30.18 -19.14
N ASP B 102 -7.36 31.46 -19.45
CA ASP B 102 -7.74 32.50 -18.50
C ASP B 102 -9.23 32.40 -18.15
N PRO B 103 -9.54 32.08 -16.87
CA PRO B 103 -10.91 31.94 -16.34
C PRO B 103 -11.64 33.28 -16.25
N ALA B 104 -10.89 34.35 -16.05
CA ALA B 104 -11.43 35.69 -15.86
C ALA B 104 -12.28 36.19 -17.02
N GLN B 105 -11.99 35.66 -18.22
CA GLN B 105 -12.62 36.14 -19.46
C GLN B 105 -13.93 35.42 -19.82
N LEU B 106 -14.10 34.17 -19.36
CA LEU B 106 -15.33 33.37 -19.58
C LEU B 106 -16.59 34.15 -19.12
N PRO B 107 -17.73 33.99 -19.82
CA PRO B 107 -18.87 34.90 -19.58
C PRO B 107 -19.99 34.34 -18.69
N TRP B 108 -19.71 34.13 -17.41
CA TRP B 108 -20.64 33.43 -16.52
C TRP B 108 -21.90 34.22 -16.22
N LYS B 109 -21.76 35.53 -16.07
CA LYS B 109 -22.90 36.41 -15.82
C LYS B 109 -24.01 36.21 -16.85
N ALA B 110 -23.67 36.31 -18.13
CA ALA B 110 -24.70 36.22 -19.17
C ALA B 110 -25.07 34.76 -19.49
N LEU B 111 -24.57 33.84 -18.66
CA LEU B 111 -24.98 32.43 -18.71
C LEU B 111 -25.75 32.03 -17.45
N ASP B 112 -25.70 32.92 -16.45
CA ASP B 112 -26.54 32.85 -15.23
C ASP B 112 -26.12 31.69 -14.30
N ILE B 113 -24.92 31.17 -14.54
CA ILE B 113 -24.29 30.14 -13.69
C ILE B 113 -24.45 30.44 -12.20
N ASP B 114 -25.18 29.57 -11.50
CA ASP B 114 -25.25 29.66 -10.03
C ASP B 114 -23.88 29.32 -9.46
N ILE B 115 -23.45 28.08 -9.67
CA ILE B 115 -22.22 27.60 -9.05
C ILE B 115 -21.21 27.17 -10.09
N ALA B 116 -19.99 27.67 -9.93
CA ALA B 116 -18.89 27.33 -10.79
C ALA B 116 -18.13 26.16 -10.15
N LEU B 117 -17.57 25.31 -11.00
CA LEU B 117 -16.87 24.15 -10.53
C LEU B 117 -15.46 24.19 -11.10
N GLU B 118 -14.57 24.83 -10.35
CA GLU B 118 -13.16 24.89 -10.69
C GLU B 118 -12.52 23.49 -10.53
N CYS B 119 -12.13 22.93 -11.65
CA CYS B 119 -11.74 21.53 -11.73
C CYS B 119 -10.42 21.33 -12.45
N THR B 120 -9.68 22.42 -12.64
CA THR B 120 -8.42 22.34 -13.37
C THR B 120 -7.28 21.82 -12.50
N GLY B 121 -7.31 22.20 -11.22
CA GLY B 121 -6.24 21.85 -10.30
C GLY B 121 -5.15 22.89 -10.27
N ILE B 122 -5.37 24.04 -10.92
CA ILE B 122 -4.35 25.11 -10.94
C ILE B 122 -4.83 26.48 -10.45
N PHE B 123 -6.14 26.61 -10.26
CA PHE B 123 -6.69 27.77 -9.55
C PHE B 123 -7.40 27.25 -8.30
N THR B 124 -6.70 26.40 -7.55
CA THR B 124 -7.22 25.86 -6.28
C THR B 124 -7.38 26.98 -5.24
N ALA B 125 -6.43 27.90 -5.24
CA ALA B 125 -6.39 29.03 -4.30
C ALA B 125 -7.65 29.87 -4.39
N ARG B 126 -8.13 30.32 -3.23
CA ARG B 126 -9.33 31.16 -3.18
C ARG B 126 -9.13 32.46 -3.94
N ASP B 127 -8.01 33.15 -3.67
CA ASP B 127 -7.72 34.43 -4.34
C ASP B 127 -7.73 34.25 -5.85
N LYS B 128 -7.17 33.14 -6.33
CA LYS B 128 -7.27 32.73 -7.74
C LYS B 128 -8.72 32.38 -8.11
N ALA B 129 -9.24 31.27 -7.55
CA ALA B 129 -10.62 30.81 -7.80
C ALA B 129 -11.72 31.92 -7.84
N SER B 130 -11.57 32.97 -7.04
CA SER B 130 -12.56 34.08 -7.00
C SER B 130 -12.71 34.83 -8.32
N ALA B 131 -12.07 34.32 -9.38
CA ALA B 131 -12.18 34.89 -10.72
C ALA B 131 -13.58 34.65 -11.27
N HIS B 132 -14.09 33.44 -11.05
CA HIS B 132 -15.37 33.00 -11.60
C HIS B 132 -16.50 33.93 -11.22
N LEU B 133 -16.39 34.56 -10.05
CA LEU B 133 -17.38 35.55 -9.59
C LEU B 133 -17.15 36.90 -10.26
N ASP B 134 -15.90 37.18 -10.62
CA ASP B 134 -15.54 38.36 -11.40
C ASP B 134 -16.14 38.21 -12.78
N ALA B 135 -15.93 37.03 -13.35
CA ALA B 135 -16.44 36.67 -14.66
C ALA B 135 -17.92 36.31 -14.61
N GLY B 136 -18.55 36.55 -13.46
CA GLY B 136 -20.03 36.56 -13.36
C GLY B 136 -20.72 35.55 -12.47
N ALA B 137 -20.07 34.41 -12.20
CA ALA B 137 -20.68 33.29 -11.47
C ALA B 137 -21.06 33.67 -10.05
N LYS B 138 -22.24 33.20 -9.62
CA LYS B 138 -22.80 33.56 -8.31
C LYS B 138 -22.09 32.95 -7.12
N ARG B 139 -21.68 31.69 -7.25
CA ARG B 139 -20.90 30.98 -6.24
C ARG B 139 -19.85 30.16 -7.00
N VAL B 140 -18.94 29.54 -6.24
CA VAL B 140 -17.83 28.74 -6.77
C VAL B 140 -17.51 27.52 -5.87
N LEU B 141 -17.29 26.36 -6.49
CA LEU B 141 -16.94 25.12 -5.77
C LEU B 141 -15.67 24.47 -6.34
N VAL B 142 -14.57 24.62 -5.61
CA VAL B 142 -13.30 24.03 -5.98
C VAL B 142 -13.27 22.56 -5.69
N SER B 143 -12.90 21.80 -6.70
CA SER B 143 -12.72 20.37 -6.59
C SER B 143 -11.32 20.10 -6.06
N ALA B 144 -11.09 20.33 -4.78
CA ALA B 144 -9.74 20.26 -4.25
C ALA B 144 -9.54 21.25 -3.14
N PRO B 145 -8.82 20.86 -2.11
CA PRO B 145 -8.52 21.78 -1.04
C PRO B 145 -8.19 23.13 -1.54
N SER B 146 -8.43 24.14 -0.72
CA SER B 146 -8.18 25.50 -1.14
C SER B 146 -7.54 26.38 -0.07
N GLU B 147 -6.95 27.46 -0.54
CA GLU B 147 -6.13 28.33 0.28
C GLU B 147 -6.83 29.63 0.57
N GLY B 148 -7.52 29.70 1.69
CA GLY B 148 -8.38 30.86 1.96
C GLY B 148 -9.86 30.58 1.71
N ALA B 149 -10.20 29.30 1.55
CA ALA B 149 -11.58 28.85 1.41
C ALA B 149 -12.47 29.39 2.51
N ASP B 150 -13.65 29.87 2.14
CA ASP B 150 -14.64 30.31 3.12
C ASP B 150 -15.14 29.13 3.97
N LEU B 151 -15.05 27.91 3.42
CA LEU B 151 -15.51 26.70 4.11
C LEU B 151 -15.15 25.49 3.28
N THR B 152 -14.61 24.46 3.94
CA THR B 152 -14.24 23.19 3.31
C THR B 152 -15.29 22.14 3.64
N VAL B 153 -15.92 21.55 2.63
CA VAL B 153 -17.08 20.70 2.90
C VAL B 153 -16.84 19.23 2.56
N VAL B 154 -17.27 18.37 3.49
CA VAL B 154 -17.42 16.94 3.24
C VAL B 154 -18.91 16.62 3.32
N TYR B 155 -19.55 16.38 2.18
CA TYR B 155 -21.00 16.22 2.19
C TYR B 155 -21.38 15.01 3.03
N GLY B 156 -22.41 15.17 3.84
CA GLY B 156 -22.91 14.10 4.70
C GLY B 156 -22.34 14.21 6.10
N VAL B 157 -21.38 15.12 6.26
CA VAL B 157 -20.75 15.32 7.55
C VAL B 157 -20.93 16.75 8.04
N ASN B 158 -20.62 17.72 7.18
CA ASN B 158 -20.60 19.13 7.62
C ASN B 158 -21.26 20.15 6.69
N HIS B 159 -21.99 19.67 5.68
CA HIS B 159 -22.57 20.58 4.68
C HIS B 159 -23.61 21.58 5.21
N GLN B 160 -24.34 21.18 6.25
CA GLN B 160 -25.36 22.06 6.86
C GLN B 160 -24.78 23.30 7.55
N PHE B 161 -23.46 23.44 7.47
CA PHE B 161 -22.78 24.62 8.00
C PHE B 161 -22.66 25.74 6.94
N LEU B 162 -22.98 25.42 5.69
CA LEU B 162 -22.91 26.40 4.58
C LEU B 162 -23.92 27.52 4.74
N SER B 163 -23.44 28.75 4.79
CA SER B 163 -24.34 29.89 4.93
C SER B 163 -24.24 30.83 3.74
N LYS B 164 -25.17 31.80 3.72
CA LYS B 164 -25.16 32.89 2.76
C LYS B 164 -23.81 33.60 2.78
N GLU B 165 -23.17 33.63 3.95
CA GLU B 165 -21.84 34.24 4.09
C GLU B 165 -20.71 33.43 3.45
N HIS B 166 -21.04 32.45 2.58
CA HIS B 166 -20.00 31.68 1.86
C HIS B 166 -20.12 31.77 0.34
N HIS B 167 -19.04 32.19 -0.30
CA HIS B 167 -19.02 32.44 -1.74
C HIS B 167 -18.22 31.40 -2.49
N VAL B 168 -16.98 31.19 -2.03
CA VAL B 168 -16.05 30.25 -2.62
C VAL B 168 -15.71 29.20 -1.55
N ILE B 169 -16.18 27.96 -1.79
CA ILE B 169 -15.97 26.88 -0.84
C ILE B 169 -15.17 25.75 -1.46
N SER B 170 -14.73 24.83 -0.62
CA SER B 170 -13.92 23.74 -1.09
C SER B 170 -14.62 22.44 -0.79
N ASN B 171 -14.54 21.55 -1.77
CA ASN B 171 -15.14 20.23 -1.64
C ASN B 171 -14.21 19.25 -0.92
N ALA B 172 -13.09 19.77 -0.43
CA ALA B 172 -12.08 18.99 0.25
C ALA B 172 -11.38 18.10 -0.78
N SER B 173 -10.94 16.90 -0.36
CA SER B 173 -10.35 15.93 -1.29
C SER B 173 -10.98 14.51 -1.22
N CYS B 174 -10.74 13.70 -2.25
CA CYS B 174 -11.19 12.30 -2.23
C CYS B 174 -10.92 11.64 -0.88
N THR B 175 -9.67 11.73 -0.39
CA THR B 175 -9.28 11.11 0.87
C THR B 175 -9.95 11.76 2.09
N THR B 176 -9.92 13.10 2.16
CA THR B 176 -10.62 13.82 3.23
C THR B 176 -12.06 13.27 3.33
N ASN B 177 -12.72 13.12 2.18
CA ASN B 177 -14.13 12.70 2.12
C ASN B 177 -14.41 11.28 2.59
N CYS B 178 -13.38 10.50 2.75
CA CYS B 178 -13.56 9.10 3.07
C CYS B 178 -13.14 8.85 4.52
N LEU B 179 -12.05 9.49 4.98
CA LEU B 179 -11.68 9.47 6.39
C LEU B 179 -12.73 10.13 7.32
N ALA B 180 -13.22 11.31 6.94
CA ALA B 180 -14.08 12.14 7.80
C ALA B 180 -15.33 11.41 8.33
N PRO B 181 -16.12 10.77 7.43
CA PRO B 181 -17.30 10.04 7.91
C PRO B 181 -16.93 8.94 8.90
N VAL B 182 -15.81 8.27 8.68
CA VAL B 182 -15.42 7.11 9.48
C VAL B 182 -14.86 7.61 10.80
N ALA B 183 -13.99 8.61 10.73
CA ALA B 183 -13.51 9.25 11.94
C ALA B 183 -14.72 9.59 12.83
N GLN B 184 -15.79 10.12 12.22
CA GLN B 184 -16.98 10.55 12.98
C GLN B 184 -17.69 9.43 13.75
N VAL B 185 -17.87 8.28 13.10
CA VAL B 185 -18.53 7.14 13.73
C VAL B 185 -17.62 6.54 14.81
N LEU B 186 -16.33 6.53 14.50
CA LEU B 186 -15.38 6.01 15.46
C LEU B 186 -15.31 6.89 16.70
N HIS B 187 -15.03 8.18 16.50
CA HIS B 187 -14.85 9.09 17.61
C HIS B 187 -16.11 9.09 18.46
N ASN B 188 -17.22 9.56 17.87
CA ASN B 188 -18.52 9.60 18.54
C ASN B 188 -18.93 8.29 19.23
N THR B 189 -18.39 7.15 18.79
CA THR B 189 -18.65 5.84 19.43
C THR B 189 -17.65 5.51 20.53
N VAL B 190 -16.38 5.37 20.13
CA VAL B 190 -15.29 4.93 21.03
C VAL B 190 -14.25 6.01 21.40
N GLY B 191 -14.25 7.14 20.70
CA GLY B 191 -13.30 8.21 20.98
C GLY B 191 -11.92 7.98 20.37
N ILE B 192 -11.47 8.94 19.59
CA ILE B 192 -10.11 8.90 19.05
C ILE B 192 -9.16 9.74 19.90
N GLU B 193 -8.25 9.06 20.59
CA GLU B 193 -7.25 9.71 21.41
C GLU B 193 -6.21 10.39 20.51
N LYS B 194 -5.71 9.61 19.54
CA LYS B 194 -4.66 9.98 18.59
C LYS B 194 -4.82 9.05 17.38
N GLY B 195 -4.59 9.56 16.17
CA GLY B 195 -4.71 8.73 14.97
C GLY B 195 -3.70 8.93 13.87
N PHE B 196 -3.23 7.82 13.28
CA PHE B 196 -2.39 7.89 12.08
C PHE B 196 -2.91 7.10 10.90
N MET B 197 -3.12 7.80 9.78
CA MET B 197 -3.72 7.22 8.59
C MET B 197 -2.67 7.09 7.49
N THR B 198 -2.59 5.91 6.87
CA THR B 198 -1.88 5.77 5.58
C THR B 198 -2.90 5.60 4.51
N THR B 199 -2.80 6.34 3.43
CA THR B 199 -3.68 5.99 2.33
C THR B 199 -2.92 5.25 1.26
N ILE B 200 -3.43 4.11 0.85
CA ILE B 200 -2.80 3.44 -0.28
C ILE B 200 -3.58 3.87 -1.51
N HIS B 201 -2.90 4.56 -2.41
CA HIS B 201 -3.61 5.30 -3.46
C HIS B 201 -3.21 4.88 -4.86
N SER B 202 -4.21 4.80 -5.70
CA SER B 202 -4.04 4.73 -7.13
C SER B 202 -3.29 5.94 -7.64
N TYR B 203 -2.52 5.74 -8.70
CA TYR B 203 -1.87 6.87 -9.35
C TYR B 203 -2.86 7.90 -9.93
N THR B 204 -2.41 9.15 -9.95
CA THR B 204 -3.22 10.24 -10.46
C THR B 204 -2.39 11.07 -11.45
N GLY B 205 -3.07 11.93 -12.22
CA GLY B 205 -2.52 12.51 -13.44
C GLY B 205 -1.47 13.58 -13.26
N ASP B 206 -1.08 13.81 -12.02
CA ASP B 206 0.04 14.69 -11.69
C ASP B 206 1.35 13.84 -11.65
N GLN B 207 1.21 12.52 -11.73
CA GLN B 207 2.37 11.65 -11.88
C GLN B 207 2.62 11.27 -13.35
N PRO B 208 3.90 10.97 -13.70
CA PRO B 208 4.21 10.64 -15.08
C PRO B 208 4.41 9.15 -15.30
N VAL B 209 4.49 8.73 -16.56
CA VAL B 209 4.71 7.32 -16.88
C VAL B 209 6.16 6.91 -16.58
N LEU B 210 7.10 7.85 -16.80
CA LEU B 210 8.52 7.63 -16.60
C LEU B 210 9.13 8.76 -15.78
N ASP B 211 10.24 8.46 -15.11
CA ASP B 211 10.89 9.40 -14.22
C ASP B 211 11.13 10.69 -14.97
N THR B 212 10.62 11.80 -14.45
CA THR B 212 10.79 13.07 -15.14
C THR B 212 10.60 14.26 -14.20
N MET B 213 11.14 15.41 -14.60
CA MET B 213 11.10 16.67 -13.85
C MET B 213 9.77 16.88 -13.21
N HIS B 214 9.81 17.14 -11.92
CA HIS B 214 8.62 17.41 -11.13
C HIS B 214 9.02 18.27 -9.95
N ARG B 215 8.08 19.06 -9.43
CA ARG B 215 8.30 19.85 -8.21
C ARG B 215 8.53 18.96 -6.96
N ASP B 216 8.08 17.71 -7.02
CA ASP B 216 8.20 16.75 -5.93
C ASP B 216 9.00 15.52 -6.39
N LEU B 217 10.04 15.20 -5.62
CA LEU B 217 10.99 14.12 -5.94
C LEU B 217 10.37 12.70 -5.94
N TYR B 218 9.29 12.51 -5.18
CA TYR B 218 8.64 11.19 -5.12
C TYR B 218 7.77 11.06 -6.35
N ARG B 219 6.90 12.06 -6.54
CA ARG B 219 5.96 12.10 -7.63
C ARG B 219 6.58 12.28 -9.02
N ALA B 220 7.91 12.37 -9.08
CA ALA B 220 8.63 12.47 -10.36
C ALA B 220 8.90 11.09 -10.94
N ARG B 221 8.77 10.08 -10.09
CA ARG B 221 9.13 8.71 -10.37
C ARG B 221 8.08 7.95 -11.18
N ALA B 222 8.54 7.01 -12.00
CA ALA B 222 7.66 6.28 -12.91
C ALA B 222 6.44 5.68 -12.17
N ALA B 223 5.24 6.12 -12.52
CA ALA B 223 4.06 5.88 -11.67
C ALA B 223 3.48 4.46 -11.60
N ALA B 224 3.70 3.61 -12.61
CA ALA B 224 3.15 2.25 -12.55
C ALA B 224 4.22 1.26 -12.17
N LEU B 225 5.33 1.78 -11.65
CA LEU B 225 6.49 0.94 -11.45
C LEU B 225 6.87 0.72 -10.00
N SER B 226 6.30 1.49 -9.08
CA SER B 226 6.75 1.49 -7.67
C SER B 226 5.61 1.80 -6.72
N MET B 227 5.78 1.41 -5.46
CA MET B 227 5.01 2.03 -4.37
C MET B 227 5.74 3.35 -4.04
N ILE B 228 5.01 4.46 -4.03
CA ILE B 228 5.60 5.78 -3.93
C ILE B 228 5.00 6.60 -2.76
N PRO B 229 5.77 6.76 -1.67
CA PRO B 229 5.24 7.52 -0.53
C PRO B 229 5.08 8.98 -0.90
N THR B 230 4.07 9.62 -0.35
CA THR B 230 3.82 10.99 -0.71
C THR B 230 3.01 11.72 0.38
N SER B 231 3.01 13.04 0.38
CA SER B 231 2.26 13.70 1.44
C SER B 231 0.84 13.88 1.03
N THR B 232 -0.04 13.72 2.00
CA THR B 232 -1.41 14.17 1.93
C THR B 232 -1.74 15.01 3.17
N GLY B 233 -2.46 16.11 2.95
CA GLY B 233 -2.99 16.89 4.05
C GLY B 233 -4.36 16.49 4.56
N ALA B 234 -4.80 15.27 4.25
CA ALA B 234 -6.17 14.85 4.57
C ALA B 234 -6.39 14.69 6.08
N ALA B 235 -5.49 14.01 6.76
CA ALA B 235 -5.58 13.89 8.23
C ALA B 235 -5.83 15.26 8.92
N LYS B 236 -5.07 16.27 8.51
CA LYS B 236 -5.17 17.62 9.07
C LYS B 236 -6.51 18.28 8.73
N ALA B 237 -7.02 17.99 7.53
CA ALA B 237 -8.24 18.60 7.03
C ALA B 237 -9.42 18.03 7.81
N VAL B 238 -9.34 16.74 8.14
CA VAL B 238 -10.31 16.09 9.00
C VAL B 238 -10.41 16.74 10.39
N GLY B 239 -9.26 17.20 10.92
CA GLY B 239 -9.22 17.90 12.21
C GLY B 239 -9.86 19.30 12.20
N LEU B 240 -10.01 19.88 11.03
CA LEU B 240 -10.63 21.18 10.87
C LEU B 240 -12.12 21.05 10.63
N VAL B 241 -12.54 20.03 9.89
CA VAL B 241 -13.98 19.83 9.64
C VAL B 241 -14.67 19.15 10.85
N LEU B 242 -13.95 18.21 11.46
CA LEU B 242 -14.30 17.72 12.78
C LEU B 242 -13.37 18.41 13.77
N PRO B 243 -13.84 19.53 14.35
CA PRO B 243 -13.01 20.43 15.15
C PRO B 243 -12.50 19.74 16.40
N GLU B 244 -13.30 18.79 16.90
CA GLU B 244 -12.97 18.02 18.09
C GLU B 244 -11.60 17.29 17.97
N LEU B 245 -11.17 17.05 16.74
CA LEU B 245 -9.92 16.34 16.47
C LEU B 245 -8.83 17.26 15.91
N LYS B 246 -8.87 18.53 16.26
CA LYS B 246 -7.82 19.49 15.86
C LYS B 246 -6.40 18.98 16.19
N GLY B 247 -5.63 18.69 15.14
CA GLY B 247 -4.24 18.23 15.30
C GLY B 247 -4.04 16.89 16.00
N LEU B 248 -5.10 16.08 16.06
CA LEU B 248 -5.02 14.78 16.68
C LEU B 248 -4.75 13.70 15.66
N LEU B 249 -4.71 14.08 14.38
CA LEU B 249 -4.51 13.12 13.31
C LEU B 249 -3.33 13.49 12.43
N ASP B 250 -2.66 12.48 11.90
CA ASP B 250 -1.65 12.70 10.87
C ASP B 250 -1.79 11.59 9.82
N GLY B 251 -1.19 11.81 8.66
CA GLY B 251 -1.37 10.88 7.58
C GLY B 251 -0.39 11.07 6.44
N VAL B 252 -0.31 10.03 5.61
CA VAL B 252 0.49 10.05 4.43
C VAL B 252 -0.13 9.16 3.39
N SER B 253 0.50 9.17 2.22
CA SER B 253 0.01 8.37 1.14
C SER B 253 1.13 7.52 0.62
N ILE B 254 0.77 6.37 0.08
CA ILE B 254 1.66 5.60 -0.74
C ILE B 254 0.90 5.34 -2.04
N ARG B 255 1.45 5.86 -3.15
CA ARG B 255 0.89 5.61 -4.47
C ARG B 255 1.37 4.27 -4.98
N VAL B 256 0.47 3.51 -5.59
CA VAL B 256 0.79 2.17 -6.07
C VAL B 256 0.26 2.01 -7.50
N PRO B 257 0.72 0.98 -8.23
CA PRO B 257 0.38 0.82 -9.66
C PRO B 257 -1.04 0.33 -9.99
N THR B 258 -2.01 1.10 -9.56
CA THR B 258 -3.39 0.93 -9.95
C THR B 258 -3.88 2.26 -10.45
N PRO B 259 -4.88 2.22 -11.29
CA PRO B 259 -5.33 3.40 -11.98
C PRO B 259 -6.54 4.04 -11.33
N ASN B 260 -7.21 3.34 -10.44
CA ASN B 260 -8.30 3.92 -9.74
C ASN B 260 -8.72 3.10 -8.58
N VAL B 261 -9.04 3.80 -7.51
CA VAL B 261 -9.48 3.23 -6.27
C VAL B 261 -8.35 3.21 -5.27
N SER B 262 -8.60 3.81 -4.14
CA SER B 262 -7.62 4.00 -3.13
C SER B 262 -8.18 3.41 -1.85
N VAL B 263 -7.47 3.56 -0.76
CA VAL B 263 -7.95 3.04 0.48
C VAL B 263 -7.32 3.76 1.68
N VAL B 264 -8.05 3.78 2.78
CA VAL B 264 -7.60 4.34 4.04
C VAL B 264 -7.26 3.21 5.01
N ASP B 265 -6.02 3.23 5.49
CA ASP B 265 -5.60 2.30 6.53
C ASP B 265 -5.31 3.11 7.78
N LEU B 266 -6.20 2.98 8.76
CA LEU B 266 -6.19 3.85 9.93
C LEU B 266 -5.83 3.10 11.20
N THR B 267 -4.82 3.60 11.89
CA THR B 267 -4.44 3.06 13.16
C THR B 267 -4.67 4.16 14.17
N PHE B 268 -5.36 3.84 15.25
CA PHE B 268 -5.68 4.85 16.25
C PHE B 268 -5.80 4.27 17.68
N THR B 269 -5.52 5.11 18.69
CA THR B 269 -5.84 4.72 20.06
C THR B 269 -7.30 5.08 20.43
N ALA B 270 -8.09 4.09 20.83
CA ALA B 270 -9.47 4.34 21.24
C ALA B 270 -9.60 4.71 22.72
N LYS B 271 -10.42 5.73 22.99
CA LYS B 271 -10.66 6.23 24.38
C LYS B 271 -11.31 5.20 25.31
N ARG B 272 -12.09 4.28 24.74
CA ARG B 272 -12.76 3.23 25.50
C ARG B 272 -12.27 1.85 25.10
N SER B 273 -12.10 0.95 26.07
CA SER B 273 -11.75 -0.44 25.76
C SER B 273 -12.84 -1.05 24.85
N THR B 274 -12.45 -1.49 23.63
CA THR B 274 -13.43 -1.88 22.59
C THR B 274 -13.17 -3.23 21.94
N THR B 275 -14.04 -3.61 20.99
CA THR B 275 -13.88 -4.82 20.17
C THR B 275 -14.12 -4.59 18.67
N ILE B 276 -13.76 -5.57 17.85
CA ILE B 276 -14.06 -5.59 16.43
C ILE B 276 -15.57 -5.52 16.13
N GLU B 277 -16.34 -6.45 16.69
CA GLU B 277 -17.79 -6.53 16.48
C GLU B 277 -18.48 -5.21 16.81
N GLU B 278 -18.07 -4.61 17.94
CA GLU B 278 -18.51 -3.28 18.35
C GLU B 278 -18.17 -2.22 17.31
N ILE B 279 -16.90 -2.20 16.85
CA ILE B 279 -16.50 -1.28 15.78
C ILE B 279 -17.37 -1.42 14.51
N ASN B 280 -17.45 -2.63 13.97
CA ASN B 280 -18.23 -2.84 12.75
C ASN B 280 -19.73 -2.55 12.96
N THR B 281 -20.28 -2.91 14.12
CA THR B 281 -21.69 -2.59 14.43
C THR B 281 -21.99 -1.09 14.31
N ALA B 282 -21.14 -0.26 14.91
CA ALA B 282 -21.31 1.20 14.81
C ALA B 282 -21.31 1.66 13.35
N ILE B 283 -20.43 1.08 12.53
CA ILE B 283 -20.40 1.36 11.09
C ILE B 283 -21.68 0.94 10.37
N ARG B 284 -22.19 -0.28 10.64
CA ARG B 284 -23.53 -0.70 10.15
C ARG B 284 -24.55 0.40 10.35
N THR B 285 -24.63 0.89 11.59
CA THR B 285 -25.60 1.88 11.96
C THR B 285 -25.45 3.16 11.13
N ALA B 286 -24.30 3.81 11.21
CA ALA B 286 -24.10 5.03 10.40
C ALA B 286 -24.44 4.79 8.91
N ALA B 287 -24.08 3.61 8.39
CA ALA B 287 -24.36 3.24 7.00
C ALA B 287 -25.85 3.21 6.68
N GLN B 288 -26.63 2.52 7.50
CA GLN B 288 -28.08 2.36 7.27
C GLN B 288 -28.90 3.59 7.65
N GLY B 289 -28.42 4.33 8.63
CA GLY B 289 -29.10 5.51 9.13
C GLY B 289 -28.55 6.80 8.55
N SER B 290 -27.89 7.61 9.39
CA SER B 290 -27.58 9.00 9.04
C SER B 290 -26.53 9.25 7.94
N LEU B 291 -25.65 8.28 7.68
CA LEU B 291 -24.68 8.46 6.58
C LEU B 291 -25.00 7.64 5.31
N LYS B 292 -26.24 7.14 5.22
CA LYS B 292 -26.68 6.33 4.07
C LYS B 292 -26.32 7.00 2.74
N GLY B 293 -25.67 6.25 1.86
CA GLY B 293 -25.26 6.79 0.56
C GLY B 293 -23.91 7.50 0.59
N ILE B 294 -23.39 7.76 1.79
CA ILE B 294 -22.02 8.25 1.96
C ILE B 294 -21.12 7.15 2.50
N LEU B 295 -21.60 6.49 3.54
CA LEU B 295 -20.84 5.41 4.09
C LEU B 295 -21.58 4.11 3.90
N ASP B 296 -20.87 3.11 3.37
CA ASP B 296 -21.34 1.73 3.26
C ASP B 296 -20.31 0.83 3.94
N TYR B 297 -20.65 -0.46 4.10
CA TYR B 297 -19.74 -1.48 4.63
C TYR B 297 -19.71 -2.69 3.69
N THR B 298 -18.77 -3.59 3.90
CA THR B 298 -18.84 -4.93 3.31
C THR B 298 -18.33 -6.00 4.27
N ASP B 299 -19.03 -7.13 4.29
CA ASP B 299 -18.65 -8.28 5.09
C ASP B 299 -17.97 -9.32 4.20
N GLU B 300 -17.81 -8.98 2.94
CA GLU B 300 -17.25 -9.93 2.02
C GLU B 300 -15.76 -9.78 1.83
N LYS B 301 -15.14 -10.83 1.29
CA LYS B 301 -13.69 -10.83 1.04
C LYS B 301 -13.34 -10.21 -0.34
N LEU B 302 -13.38 -8.89 -0.41
CA LEU B 302 -13.29 -8.17 -1.66
C LEU B 302 -11.93 -7.50 -1.80
N VAL B 303 -11.57 -7.11 -3.02
CA VAL B 303 -10.30 -6.46 -3.32
C VAL B 303 -10.64 -5.18 -4.04
N SER B 304 -9.63 -4.37 -4.37
CA SER B 304 -9.86 -2.96 -4.80
C SER B 304 -10.73 -2.80 -6.03
N CYS B 305 -10.50 -3.64 -7.04
CA CYS B 305 -11.29 -3.45 -8.26
C CYS B 305 -12.79 -3.73 -8.10
N ASP B 306 -13.17 -4.40 -7.00
CA ASP B 306 -14.59 -4.62 -6.71
C ASP B 306 -15.29 -3.35 -6.27
N PHE B 307 -14.54 -2.27 -6.07
CA PHE B 307 -15.12 -1.01 -5.62
C PHE B 307 -15.03 0.07 -6.68
N ASN B 308 -14.62 -0.32 -7.90
CA ASN B 308 -14.59 0.59 -9.03
C ASN B 308 -15.99 0.97 -9.42
N HIS B 309 -16.22 2.28 -9.43
CA HIS B 309 -17.48 2.85 -9.89
C HIS B 309 -18.54 2.79 -8.79
N ASN B 310 -18.08 2.53 -7.56
CA ASN B 310 -18.94 2.60 -6.38
C ASN B 310 -19.05 4.07 -6.00
N PRO B 311 -20.29 4.59 -5.89
CA PRO B 311 -20.53 6.03 -5.65
C PRO B 311 -20.31 6.53 -4.20
N HIS B 312 -20.11 5.63 -3.25
CA HIS B 312 -19.88 6.00 -1.85
C HIS B 312 -18.58 6.74 -1.53
N SER B 313 -18.63 7.62 -0.54
CA SER B 313 -17.44 8.38 -0.11
C SER B 313 -16.46 7.47 0.61
N ALA B 314 -17.02 6.44 1.25
CA ALA B 314 -16.29 5.48 2.03
C ALA B 314 -17.01 4.15 2.06
N ILE B 315 -16.29 3.06 1.81
CA ILE B 315 -16.83 1.73 2.04
C ILE B 315 -15.91 0.99 3.02
N PHE B 316 -16.49 0.65 4.16
CA PHE B 316 -15.79 0.06 5.29
C PHE B 316 -15.64 -1.43 5.11
N HIS B 317 -14.45 -1.94 5.33
CA HIS B 317 -14.17 -3.35 5.16
C HIS B 317 -14.13 -4.03 6.48
N ASN B 318 -15.18 -4.71 6.87
CA ASN B 318 -15.26 -5.21 8.23
C ASN B 318 -14.15 -6.15 8.56
N ASP B 319 -14.13 -7.27 7.91
CA ASP B 319 -13.06 -8.23 7.96
C ASP B 319 -11.75 -7.67 8.45
N GLN B 320 -11.51 -6.43 8.19
CA GLN B 320 -10.17 -5.93 8.28
C GLN B 320 -9.93 -5.12 9.51
N THR B 321 -10.95 -4.95 10.32
CA THR B 321 -10.83 -4.28 11.58
C THR B 321 -10.07 -5.15 12.57
N LYS B 322 -9.12 -4.57 13.28
CA LYS B 322 -8.34 -5.26 14.31
C LYS B 322 -8.21 -4.39 15.59
N VAL B 323 -8.22 -5.00 16.78
CA VAL B 323 -8.00 -4.22 18.01
C VAL B 323 -7.04 -4.95 18.95
N ILE B 324 -5.91 -4.32 19.27
CA ILE B 324 -4.93 -4.90 20.19
C ILE B 324 -5.26 -4.50 21.63
N ASP B 325 -5.18 -5.48 22.53
CA ASP B 325 -5.54 -5.28 23.95
C ASP B 325 -6.69 -4.27 24.11
N GLY B 326 -7.71 -4.36 23.26
CA GLY B 326 -8.89 -3.50 23.40
C GLY B 326 -8.71 -1.99 23.24
N GLN B 327 -7.46 -1.52 23.13
CA GLN B 327 -7.16 -0.08 22.93
C GLN B 327 -6.61 0.36 21.54
N LEU B 328 -5.70 -0.39 20.91
CA LEU B 328 -5.11 0.06 19.62
C LEU B 328 -5.85 -0.50 18.42
N CYS B 329 -6.42 0.37 17.60
CA CYS B 329 -7.33 -0.07 16.54
C CYS B 329 -6.82 0.17 15.11
N ARG B 330 -7.34 -0.66 14.21
CA ARG B 330 -7.02 -0.57 12.80
C ARG B 330 -8.25 -0.90 11.97
N VAL B 331 -8.56 -0.03 11.02
CA VAL B 331 -9.68 -0.24 10.09
C VAL B 331 -9.20 0.02 8.66
N LEU B 332 -9.94 -0.52 7.70
CA LEU B 332 -9.57 -0.36 6.29
C LEU B 332 -10.78 0.13 5.50
N VAL B 333 -10.61 1.22 4.76
CA VAL B 333 -11.76 1.91 4.17
C VAL B 333 -11.52 2.27 2.71
N TRP B 334 -12.26 1.60 1.83
CA TRP B 334 -12.13 1.80 0.39
C TRP B 334 -12.82 3.04 -0.09
N TYR B 335 -12.40 3.51 -1.27
CA TYR B 335 -13.08 4.63 -1.90
C TYR B 335 -12.62 4.83 -3.31
N ASP B 336 -13.59 5.03 -4.17
CA ASP B 336 -13.29 5.34 -5.54
C ASP B 336 -12.99 6.83 -5.60
N ASN B 337 -11.69 7.14 -5.56
CA ASN B 337 -11.19 8.50 -5.53
C ASN B 337 -11.68 9.38 -6.67
N GLU B 338 -12.12 8.76 -7.77
CA GLU B 338 -12.78 9.50 -8.83
C GLU B 338 -14.33 9.57 -8.68
N TRP B 339 -14.98 8.41 -8.52
CA TRP B 339 -16.43 8.33 -8.63
C TRP B 339 -17.19 8.82 -7.40
N GLY B 340 -16.67 8.51 -6.22
CA GLY B 340 -17.27 8.97 -4.97
C GLY B 340 -17.24 10.49 -4.91
N PHE B 341 -16.05 11.05 -5.08
CA PHE B 341 -15.82 12.48 -5.03
C PHE B 341 -16.67 13.23 -6.04
N SER B 342 -16.69 12.77 -7.29
CA SER B 342 -17.44 13.44 -8.34
C SER B 342 -18.92 13.46 -8.03
N ASN B 343 -19.40 12.43 -7.34
CA ASN B 343 -20.79 12.48 -6.88
C ASN B 343 -21.03 13.45 -5.74
N ARG B 344 -20.05 13.59 -4.86
CA ARG B 344 -20.15 14.57 -3.80
C ARG B 344 -20.14 15.96 -4.42
N MET B 345 -19.24 16.19 -5.36
CA MET B 345 -19.22 17.47 -6.08
C MET B 345 -20.62 17.85 -6.57
N CYS B 346 -21.47 16.86 -6.82
CA CYS B 346 -22.86 17.13 -7.23
C CYS B 346 -23.71 17.48 -6.03
N ASP B 347 -23.56 16.72 -4.95
CA ASP B 347 -24.37 16.89 -3.75
C ASP B 347 -24.02 18.20 -3.05
N THR B 348 -22.73 18.53 -3.04
CA THR B 348 -22.28 19.80 -2.52
C THR B 348 -22.86 20.94 -3.35
N ALA B 349 -22.73 20.83 -4.68
CA ALA B 349 -23.27 21.84 -5.57
C ALA B 349 -24.74 22.18 -5.27
N VAL B 350 -25.52 21.15 -4.93
CA VAL B 350 -26.94 21.31 -4.64
C VAL B 350 -27.17 21.98 -3.28
N ALA B 351 -26.56 21.44 -2.23
CA ALA B 351 -26.73 22.01 -0.88
C ALA B 351 -26.29 23.47 -0.82
N PHE B 352 -25.20 23.78 -1.52
CA PHE B 352 -24.70 25.14 -1.68
C PHE B 352 -25.76 26.06 -2.32
N ALA B 353 -26.32 25.60 -3.44
CA ALA B 353 -27.29 26.36 -4.24
C ALA B 353 -28.48 26.86 -3.42
N LYS B 354 -28.67 26.28 -2.25
CA LYS B 354 -29.82 26.58 -1.42
C LYS B 354 -29.53 27.78 -0.52
N THR B 355 -28.26 27.99 -0.19
CA THR B 355 -27.86 29.17 0.57
C THR B 355 -27.87 30.43 -0.32
N ILE B 356 -28.16 30.27 -1.60
CA ILE B 356 -28.18 31.41 -2.52
C ILE B 356 -29.49 32.20 -2.40
PA NAD C . 8.80 -20.65 -5.85
O1A NAD C . 9.42 -19.80 -6.93
O2A NAD C . 7.49 -21.34 -6.19
O5B NAD C . 9.82 -21.80 -5.35
C5B NAD C . 9.39 -23.16 -5.13
C4B NAD C . 10.31 -24.08 -5.92
O4B NAD C . 10.31 -25.41 -5.41
C3B NAD C . 9.92 -24.16 -7.40
O3B NAD C . 11.14 -23.96 -8.13
C2B NAD C . 9.37 -25.55 -7.62
O2B NAD C . 9.69 -26.10 -8.91
C1B NAD C . 10.00 -26.35 -6.47
N9A NAD C . 9.18 -27.49 -5.97
C8A NAD C . 7.85 -27.56 -5.77
N7A NAD C . 7.56 -28.79 -5.30
C5A NAD C . 8.71 -29.52 -5.21
C6A NAD C . 9.07 -30.81 -4.81
N6A NAD C . 8.16 -31.71 -4.39
N1A NAD C . 10.37 -31.22 -4.85
C2A NAD C . 11.32 -30.38 -5.26
N3A NAD C . 11.01 -29.13 -5.65
C4A NAD C . 9.73 -28.67 -5.65
O3 NAD C . 8.55 -19.81 -4.47
PN NAD C . 9.60 -18.89 -3.61
O1N NAD C . 9.19 -17.45 -3.87
O2N NAD C . 11.01 -19.40 -3.89
O5D NAD C . 9.35 -19.16 -2.02
C5D NAD C . 9.75 -20.38 -1.38
C4D NAD C . 9.52 -20.30 0.13
O4D NAD C . 10.23 -19.17 0.64
C3D NAD C . 8.05 -20.11 0.52
O3D NAD C . 7.64 -21.11 1.46
C2D NAD C . 7.94 -18.73 1.16
O2D NAD C . 7.21 -18.77 2.38
C1D NAD C . 9.38 -18.34 1.46
N1N NAD C . 9.67 -16.90 1.30
C2N NAD C . 9.63 -16.30 0.09
C3N NAD C . 9.93 -14.94 -0.06
C7N NAD C . 9.86 -14.26 -1.42
O7N NAD C . 9.43 -12.99 -1.55
N7N NAD C . 10.18 -14.93 -2.50
C4N NAD C . 10.26 -14.22 1.08
C5N NAD C . 10.29 -14.85 2.31
C6N NAD C . 10.00 -16.20 2.40
PA NAD D . -6.78 16.18 -14.90
O1A NAD D . -7.23 15.00 -15.74
O2A NAD D . -5.40 16.77 -15.18
O5B NAD D . -7.88 17.37 -15.05
C5B NAD D . -7.52 18.74 -15.28
C4B NAD D . -8.09 19.15 -16.63
O4B NAD D . -8.18 20.57 -16.76
C3B NAD D . -7.24 18.64 -17.78
O3B NAD D . -8.09 17.93 -18.67
C2B NAD D . -6.67 19.87 -18.46
O2B NAD D . -6.70 19.78 -19.89
C1B NAD D . -7.56 21.02 -17.96
N9A NAD D . -6.79 22.27 -17.75
C8A NAD D . -5.52 22.38 -17.28
N7A NAD D . -5.17 23.68 -17.23
C5A NAD D . -6.24 24.41 -17.67
C6A NAD D . -6.48 25.78 -17.84
N6A NAD D . -5.54 26.71 -17.55
N1A NAD D . -7.68 26.19 -18.31
C2A NAD D . -8.65 25.30 -18.62
N3A NAD D . -8.44 23.98 -18.47
C4A NAD D . -7.25 23.50 -18.00
O3 NAD D . -6.85 15.76 -13.33
PN NAD D . -8.19 15.65 -12.40
O1N NAD D . -8.24 14.29 -11.73
O2N NAD D . -9.39 16.13 -13.19
O5D NAD D . -7.95 16.71 -11.21
C5D NAD D . -8.81 17.85 -11.00
C4D NAD D . -8.88 18.26 -9.53
O4D NAD D . -9.69 17.32 -8.81
C3D NAD D . -7.50 18.30 -8.86
O3D NAD D . -7.31 19.54 -8.17
C2D NAD D . -7.52 17.17 -7.86
O2D NAD D . -6.86 17.49 -6.64
C1D NAD D . -9.01 16.97 -7.58
N1N NAD D . -9.24 15.61 -7.09
C2N NAD D . -8.97 14.57 -7.90
C3N NAD D . -9.17 13.27 -7.47
C7N NAD D . -8.83 12.12 -8.42
O7N NAD D . -8.56 10.90 -7.96
N7N NAD D . -8.80 12.36 -9.73
C4N NAD D . -9.65 13.06 -6.18
C5N NAD D . -9.92 14.15 -5.37
C6N NAD D . -9.71 15.43 -5.85
#